data_6HKA
#
_entry.id   6HKA
#
_entity_poly.entity_id   1
_entity_poly.type   'polypeptide(L)'
_entity_poly.pdbx_seq_one_letter_code
;MQYKLALNGKTLKGETTTEAVDAATAEKVFKQYANDNGVDGEWTYDDATKTFTVTELVPRGSDDDDKTVLSVGGQVNLLI
QQAIDPKNLSRLFPGWKAWV
;
_entity_poly.pdbx_strand_id   A
#
# COMPACT_ATOMS: atom_id res chain seq x y z
N THR A 68 -17.85 3.24 7.28
CA THR A 68 -16.90 4.20 7.87
C THR A 68 -17.25 4.46 9.34
N VAL A 69 -16.37 4.07 10.23
CA VAL A 69 -16.60 4.27 11.69
C VAL A 69 -15.45 3.59 12.46
N LEU A 70 -14.61 4.36 13.10
CA LEU A 70 -13.48 3.76 13.86
C LEU A 70 -12.76 2.72 12.97
N SER A 71 -13.07 2.70 11.71
CA SER A 71 -12.43 1.72 10.79
C SER A 71 -11.08 2.26 10.35
N VAL A 72 -10.05 1.55 10.67
CA VAL A 72 -8.68 1.98 10.29
C VAL A 72 -8.29 1.31 8.98
N GLY A 73 -8.98 0.27 8.61
CA GLY A 73 -8.66 -0.42 7.33
C GLY A 73 -8.62 0.60 6.20
N GLY A 74 -9.04 1.81 6.47
CA GLY A 74 -9.02 2.86 5.40
C GLY A 74 -7.59 3.30 5.15
N GLN A 75 -6.85 3.62 6.18
CA GLN A 75 -5.44 4.06 5.98
C GLN A 75 -4.56 2.83 5.77
N VAL A 76 -4.82 1.78 6.49
CA VAL A 76 -3.99 0.55 6.31
C VAL A 76 -4.18 0.04 4.87
N ASN A 77 -5.40 -0.17 4.47
CA ASN A 77 -5.64 -0.65 3.08
C ASN A 77 -4.96 0.33 2.12
N LEU A 78 -5.19 1.60 2.30
CA LEU A 78 -4.54 2.59 1.40
C LEU A 78 -3.04 2.27 1.30
N LEU A 79 -2.40 2.10 2.41
CA LEU A 79 -0.94 1.78 2.40
C LEU A 79 -0.65 0.54 1.55
N ILE A 80 -1.55 -0.41 1.50
CA ILE A 80 -1.27 -1.64 0.70
C ILE A 80 -1.39 -1.33 -0.80
N GLN A 81 -2.34 -0.53 -1.17
CA GLN A 81 -2.53 -0.19 -2.61
C GLN A 81 -1.31 0.59 -3.13
N GLN A 82 -0.93 1.66 -2.49
CA GLN A 82 0.25 2.42 -2.98
C GLN A 82 1.43 1.46 -3.02
N ALA A 83 1.54 0.66 -2.02
CA ALA A 83 2.66 -0.31 -1.96
C ALA A 83 2.52 -1.33 -3.09
N ILE A 84 1.34 -1.47 -3.65
CA ILE A 84 1.14 -2.44 -4.76
C ILE A 84 1.44 -1.75 -6.10
N ASP A 85 1.66 -0.46 -6.08
CA ASP A 85 1.94 0.27 -7.36
C ASP A 85 3.12 1.23 -7.14
N PRO A 86 4.24 0.72 -6.72
CA PRO A 86 5.48 1.54 -6.49
C PRO A 86 6.15 1.93 -7.81
N LYS A 87 5.47 1.72 -8.91
CA LYS A 87 6.06 2.08 -10.23
C LYS A 87 6.40 3.56 -10.26
N ASN A 88 5.65 4.36 -9.57
CA ASN A 88 5.92 5.83 -9.56
C ASN A 88 7.15 6.11 -8.69
N LEU A 89 7.04 5.89 -7.41
CA LEU A 89 8.21 6.15 -6.51
C LEU A 89 9.43 5.41 -7.06
N SER A 90 9.25 4.21 -7.52
CA SER A 90 10.40 3.45 -8.08
C SER A 90 11.02 4.25 -9.23
N ARG A 91 10.21 4.75 -10.11
CA ARG A 91 10.75 5.54 -11.26
C ARG A 91 11.64 6.65 -10.71
N LEU A 92 11.33 7.16 -9.55
CA LEU A 92 12.16 8.25 -8.96
C LEU A 92 13.37 7.65 -8.24
N PHE A 93 13.61 6.38 -8.43
CA PHE A 93 14.78 5.72 -7.76
C PHE A 93 15.41 4.70 -8.74
N PRO A 94 16.69 4.41 -8.59
CA PRO A 94 17.41 3.44 -9.48
C PRO A 94 16.55 2.21 -9.83
N GLY A 95 15.49 1.99 -9.12
CA GLY A 95 14.62 0.82 -9.40
C GLY A 95 14.38 0.68 -10.91
N TRP A 96 14.30 1.76 -11.63
CA TRP A 96 14.04 1.64 -13.11
C TRP A 96 15.35 1.38 -13.88
N LYS A 97 16.44 1.93 -13.45
CA LYS A 97 17.72 1.69 -14.18
C LYS A 97 17.92 0.19 -14.43
N ALA A 98 17.10 -0.64 -13.83
CA ALA A 98 17.24 -2.11 -14.02
C ALA A 98 16.03 -2.61 -14.79
N TRP A 99 14.97 -1.84 -14.77
CA TRP A 99 13.73 -2.27 -15.47
C TRP A 99 13.82 -1.92 -16.96
N VAL A 100 14.87 -1.26 -17.36
CA VAL A 100 15.02 -0.90 -18.79
C VAL A 100 14.87 -2.14 -19.66
N THR A 68 -7.15 10.91 9.16
CA THR A 68 -8.23 9.91 9.35
C THR A 68 -7.93 9.08 10.60
N VAL A 69 -8.92 8.41 11.14
CA VAL A 69 -8.68 7.59 12.35
C VAL A 69 -9.94 6.76 12.65
N LEU A 70 -11.09 7.35 12.52
CA LEU A 70 -12.36 6.62 12.80
C LEU A 70 -12.32 5.23 12.14
N SER A 71 -11.38 4.97 11.28
CA SER A 71 -11.29 3.64 10.63
C SER A 71 -9.86 3.38 10.19
N VAL A 72 -9.32 2.29 10.65
CA VAL A 72 -7.93 1.95 10.28
C VAL A 72 -7.90 1.34 8.89
N GLY A 73 -8.80 0.43 8.59
CA GLY A 73 -8.81 -0.19 7.24
C GLY A 73 -8.74 0.90 6.17
N GLY A 74 -8.98 2.13 6.56
CA GLY A 74 -8.93 3.24 5.57
C GLY A 74 -7.47 3.53 5.20
N GLN A 75 -6.64 3.74 6.19
CA GLN A 75 -5.20 4.04 5.89
C GLN A 75 -4.45 2.74 5.64
N VAL A 76 -4.71 1.74 6.44
CA VAL A 76 -4.01 0.44 6.27
C VAL A 76 -4.26 -0.05 4.84
N ASN A 77 -5.48 -0.11 4.44
CA ASN A 77 -5.79 -0.57 3.06
C ASN A 77 -5.14 0.40 2.07
N LEU A 78 -5.40 1.66 2.22
CA LEU A 78 -4.79 2.66 1.29
C LEU A 78 -3.28 2.43 1.23
N LEU A 79 -2.70 1.97 2.31
CA LEU A 79 -1.23 1.72 2.32
C LEU A 79 -0.89 0.45 1.55
N ILE A 80 -1.77 -0.52 1.52
CA ILE A 80 -1.46 -1.78 0.79
C ILE A 80 -1.76 -1.61 -0.70
N GLN A 81 -2.55 -0.64 -1.05
CA GLN A 81 -2.87 -0.41 -2.49
C GLN A 81 -1.86 0.55 -3.13
N GLN A 82 -1.40 1.53 -2.39
CA GLN A 82 -0.43 2.50 -2.96
C GLN A 82 0.99 1.93 -2.79
N ALA A 83 1.25 1.27 -1.70
CA ALA A 83 2.61 0.71 -1.48
C ALA A 83 3.00 -0.19 -2.67
N ILE A 84 2.07 -0.51 -3.52
CA ILE A 84 2.37 -1.39 -4.67
C ILE A 84 1.59 -0.90 -5.89
N ASP A 85 0.84 -1.76 -6.52
CA ASP A 85 0.04 -1.33 -7.72
C ASP A 85 -1.34 -0.84 -7.24
N PRO A 86 -1.68 0.42 -7.43
CA PRO A 86 -2.99 0.97 -6.99
C PRO A 86 -4.11 0.63 -7.98
N LYS A 87 -3.82 -0.17 -8.97
CA LYS A 87 -4.88 -0.53 -9.96
C LYS A 87 -6.11 -1.04 -9.21
N ASN A 88 -5.91 -1.70 -8.11
CA ASN A 88 -7.08 -2.22 -7.33
C ASN A 88 -7.90 -1.04 -6.80
N LEU A 89 -7.29 -0.17 -6.04
CA LEU A 89 -8.04 1.00 -5.50
C LEU A 89 -8.83 1.66 -6.64
N SER A 90 -8.33 1.61 -7.83
CA SER A 90 -9.03 2.23 -8.99
C SER A 90 -10.02 1.23 -9.59
N ARG A 91 -9.84 -0.05 -9.35
CA ARG A 91 -10.77 -1.06 -9.92
C ARG A 91 -12.08 -1.08 -9.12
N LEU A 92 -12.07 -0.61 -7.90
CA LEU A 92 -13.31 -0.61 -7.07
C LEU A 92 -14.46 -0.05 -7.91
N PHE A 93 -14.14 0.62 -8.99
CA PHE A 93 -15.18 1.19 -9.90
C PHE A 93 -15.14 0.44 -11.23
N PRO A 94 -15.90 -0.64 -11.37
CA PRO A 94 -15.90 -1.44 -12.62
C PRO A 94 -15.87 -0.56 -13.89
N GLY A 95 -16.27 0.67 -13.77
CA GLY A 95 -16.25 1.57 -14.96
C GLY A 95 -14.82 1.67 -15.49
N TRP A 96 -13.86 1.15 -14.78
CA TRP A 96 -12.45 1.21 -15.24
C TRP A 96 -12.20 0.10 -16.27
N LYS A 97 -13.13 -0.80 -16.42
CA LYS A 97 -12.93 -1.91 -17.40
C LYS A 97 -12.89 -1.36 -18.82
N ALA A 98 -13.36 -0.17 -19.02
CA ALA A 98 -13.38 0.44 -20.37
C ALA A 98 -12.45 1.64 -20.39
N TRP A 99 -12.17 2.20 -19.25
CA TRP A 99 -11.29 3.39 -19.21
C TRP A 99 -9.85 2.96 -19.50
N VAL A 100 -9.62 1.69 -19.67
CA VAL A 100 -8.24 1.21 -19.95
C VAL A 100 -7.62 2.06 -21.04
N THR A 68 -12.26 8.53 15.18
CA THR A 68 -11.61 7.66 14.15
C THR A 68 -12.13 8.03 12.76
N VAL A 69 -11.36 7.77 11.74
CA VAL A 69 -11.81 8.10 10.36
C VAL A 69 -12.64 6.94 9.80
N LEU A 70 -13.81 6.73 10.36
CA LEU A 70 -14.70 5.61 9.89
C LEU A 70 -14.04 4.25 10.16
N SER A 71 -12.73 4.18 10.11
CA SER A 71 -12.04 2.88 10.37
C SER A 71 -10.58 2.99 9.91
N VAL A 72 -9.68 2.91 10.83
CA VAL A 72 -8.24 3.00 10.49
C VAL A 72 -7.91 1.93 9.43
N GLY A 73 -8.48 0.77 9.56
CA GLY A 73 -8.21 -0.32 8.57
C GLY A 73 -8.26 0.25 7.15
N GLY A 74 -8.94 1.34 6.95
CA GLY A 74 -9.00 1.95 5.60
C GLY A 74 -7.65 2.55 5.26
N GLN A 75 -7.04 3.26 6.17
CA GLN A 75 -5.71 3.83 5.89
C GLN A 75 -4.76 2.66 5.64
N VAL A 76 -5.03 1.55 6.26
CA VAL A 76 -4.17 0.36 6.04
C VAL A 76 -4.41 -0.15 4.63
N ASN A 77 -5.65 -0.23 4.21
CA ASN A 77 -5.93 -0.69 2.83
C ASN A 77 -5.26 0.27 1.86
N LEU A 78 -5.60 1.52 1.94
CA LEU A 78 -4.96 2.54 1.04
C LEU A 78 -3.45 2.33 1.05
N LEU A 79 -2.92 1.84 2.14
CA LEU A 79 -1.44 1.63 2.23
C LEU A 79 -1.02 0.47 1.31
N ILE A 80 -1.79 -0.58 1.27
CA ILE A 80 -1.40 -1.73 0.41
C ILE A 80 -1.48 -1.32 -1.07
N GLN A 81 -2.48 -0.55 -1.44
CA GLN A 81 -2.58 -0.12 -2.87
C GLN A 81 -1.43 0.86 -3.16
N GLN A 82 -1.02 1.62 -2.18
CA GLN A 82 0.08 2.59 -2.39
C GLN A 82 1.36 1.84 -2.82
N ALA A 83 1.75 0.86 -2.06
CA ALA A 83 3.00 0.11 -2.40
C ALA A 83 3.00 -0.28 -3.88
N ILE A 84 1.94 -0.88 -4.34
CA ILE A 84 1.90 -1.30 -5.77
C ILE A 84 2.37 -0.16 -6.68
N ASP A 85 1.91 1.04 -6.43
CA ASP A 85 2.31 2.19 -7.27
C ASP A 85 2.28 3.48 -6.44
N PRO A 86 3.41 4.00 -6.00
CA PRO A 86 3.45 5.24 -5.17
C PRO A 86 3.37 6.51 -6.03
N LYS A 87 3.33 6.36 -7.33
CA LYS A 87 3.24 7.57 -8.20
C LYS A 87 2.04 8.41 -7.77
N ASN A 88 1.04 7.79 -7.20
CA ASN A 88 -0.15 8.57 -6.74
C ASN A 88 0.27 9.53 -5.63
N LEU A 89 0.95 9.02 -4.63
CA LEU A 89 1.40 9.89 -3.52
C LEU A 89 2.27 11.02 -4.10
N SER A 90 3.18 10.68 -4.96
CA SER A 90 4.06 11.72 -5.56
C SER A 90 3.24 12.60 -6.51
N ARG A 91 2.18 12.06 -7.07
CA ARG A 91 1.34 12.86 -8.00
C ARG A 91 0.59 13.95 -7.22
N LEU A 92 0.38 13.74 -5.95
CA LEU A 92 -0.36 14.78 -5.16
C LEU A 92 0.23 16.16 -5.46
N PHE A 93 1.42 16.19 -6.01
CA PHE A 93 2.08 17.49 -6.35
C PHE A 93 2.03 17.66 -7.89
N PRO A 94 1.11 18.44 -8.42
CA PRO A 94 1.00 18.64 -9.90
C PRO A 94 2.38 18.82 -10.56
N GLY A 95 3.34 19.34 -9.82
CA GLY A 95 4.70 19.54 -10.41
C GLY A 95 5.32 18.21 -10.81
N TRP A 96 4.68 17.11 -10.50
CA TRP A 96 5.27 15.79 -10.88
C TRP A 96 5.28 15.66 -12.40
N LYS A 97 4.59 16.52 -13.08
CA LYS A 97 4.54 16.45 -14.57
C LYS A 97 5.95 16.61 -15.13
N ALA A 98 6.88 17.03 -14.31
CA ALA A 98 8.29 17.23 -14.78
C ALA A 98 9.22 16.33 -13.98
N TRP A 99 8.80 15.91 -12.82
CA TRP A 99 9.68 15.06 -11.99
C TRP A 99 9.81 13.68 -12.64
N VAL A 100 8.80 13.25 -13.34
CA VAL A 100 8.86 11.92 -14.00
C VAL A 100 9.95 11.94 -15.07
N THR A 68 -17.41 3.14 14.63
CA THR A 68 -16.15 3.75 15.12
C THR A 68 -15.76 4.93 14.23
N VAL A 69 -14.51 5.06 13.87
CA VAL A 69 -14.10 6.18 12.99
C VAL A 69 -12.65 6.01 12.57
N LEU A 70 -11.74 5.98 13.51
CA LEU A 70 -10.29 5.82 13.17
C LEU A 70 -10.14 4.73 12.11
N SER A 71 -10.91 3.68 12.22
CA SER A 71 -10.87 2.54 11.24
C SER A 71 -9.50 2.42 10.57
N VAL A 72 -8.70 1.53 11.06
CA VAL A 72 -7.36 1.32 10.48
C VAL A 72 -7.49 0.84 9.04
N GLY A 73 -8.39 -0.07 8.79
CA GLY A 73 -8.57 -0.58 7.40
C GLY A 73 -8.67 0.58 6.41
N GLY A 74 -8.79 1.78 6.90
CA GLY A 74 -8.89 2.95 5.97
C GLY A 74 -7.50 3.33 5.45
N GLN A 75 -6.62 3.73 6.32
CA GLN A 75 -5.27 4.12 5.86
C GLN A 75 -4.49 2.87 5.49
N VAL A 76 -4.77 1.78 6.15
CA VAL A 76 -4.05 0.53 5.82
C VAL A 76 -4.46 0.08 4.42
N ASN A 77 -5.74 -0.01 4.16
CA ASN A 77 -6.19 -0.41 2.80
C ASN A 77 -5.56 0.51 1.77
N LEU A 78 -5.42 1.76 2.10
CA LEU A 78 -4.80 2.71 1.12
C LEU A 78 -3.30 2.45 1.07
N LEU A 79 -2.68 2.33 2.21
CA LEU A 79 -1.21 2.08 2.25
C LEU A 79 -0.93 0.69 1.65
N ILE A 80 -1.92 -0.15 1.52
CA ILE A 80 -1.66 -1.49 0.95
C ILE A 80 -1.59 -1.37 -0.58
N GLN A 81 -2.59 -0.82 -1.19
CA GLN A 81 -2.57 -0.67 -2.67
C GLN A 81 -1.30 0.07 -3.11
N GLN A 82 -1.06 1.23 -2.55
CA GLN A 82 0.14 2.01 -2.97
C GLN A 82 1.42 1.22 -2.66
N ALA A 83 1.48 0.55 -1.54
CA ALA A 83 2.70 -0.22 -1.19
C ALA A 83 2.90 -1.37 -2.17
N ILE A 84 1.84 -2.02 -2.58
CA ILE A 84 1.96 -3.15 -3.55
C ILE A 84 0.81 -3.05 -4.56
N ASP A 85 1.02 -2.33 -5.63
CA ASP A 85 -0.05 -2.20 -6.65
C ASP A 85 -0.46 -3.60 -7.15
N PRO A 86 0.48 -4.49 -7.36
CA PRO A 86 0.19 -5.88 -7.84
C PRO A 86 -0.68 -6.66 -6.85
N LYS A 87 -1.34 -5.99 -5.95
CA LYS A 87 -2.21 -6.71 -4.97
C LYS A 87 -3.06 -7.74 -5.71
N ASN A 88 -3.28 -7.54 -6.97
CA ASN A 88 -4.10 -8.51 -7.76
C ASN A 88 -3.26 -9.76 -8.02
N LEU A 89 -2.13 -9.59 -8.65
CA LEU A 89 -1.24 -10.76 -8.94
C LEU A 89 -1.09 -11.59 -7.66
N SER A 90 -1.16 -10.97 -6.52
CA SER A 90 -1.00 -11.72 -5.24
C SER A 90 -2.37 -12.21 -4.75
N ARG A 91 -3.43 -11.54 -5.12
CA ARG A 91 -4.78 -11.96 -4.65
C ARG A 91 -5.36 -13.03 -5.58
N LEU A 92 -4.84 -13.18 -6.76
CA LEU A 92 -5.38 -14.23 -7.69
C LEU A 92 -5.52 -15.54 -6.91
N PHE A 93 -4.84 -15.63 -5.80
CA PHE A 93 -4.90 -16.85 -4.95
C PHE A 93 -5.34 -16.44 -3.54
N PRO A 94 -6.64 -16.35 -3.30
CA PRO A 94 -7.17 -15.95 -1.97
C PRO A 94 -6.39 -16.58 -0.82
N GLY A 95 -5.66 -17.62 -1.10
CA GLY A 95 -4.88 -18.30 -0.02
C GLY A 95 -3.76 -17.36 0.46
N TRP A 96 -3.58 -16.23 -0.17
CA TRP A 96 -2.50 -15.30 0.27
C TRP A 96 -2.91 -14.65 1.60
N LYS A 97 -4.14 -14.82 2.00
CA LYS A 97 -4.59 -14.21 3.28
C LYS A 97 -3.75 -14.74 4.44
N ALA A 98 -2.93 -15.75 4.19
CA ALA A 98 -2.07 -16.31 5.27
C ALA A 98 -0.61 -16.27 4.81
N TRP A 99 -0.40 -16.20 3.52
CA TRP A 99 0.99 -16.16 3.02
C TRP A 99 1.57 -14.76 3.20
N VAL A 100 0.79 -13.86 3.71
CA VAL A 100 1.28 -12.46 3.92
C VAL A 100 2.60 -12.51 4.71
N THR A 68 -17.26 4.69 5.84
CA THR A 68 -16.02 4.68 6.67
C THR A 68 -16.25 5.46 7.96
N VAL A 69 -15.91 4.87 9.09
CA VAL A 69 -16.10 5.55 10.39
C VAL A 69 -14.96 5.17 11.34
N LEU A 70 -14.03 6.06 11.56
CA LEU A 70 -12.89 5.75 12.46
C LEU A 70 -12.27 4.41 12.06
N SER A 71 -12.68 3.87 10.95
CA SER A 71 -12.14 2.56 10.50
C SER A 71 -10.72 2.77 9.98
N VAL A 72 -9.77 2.35 10.75
CA VAL A 72 -8.36 2.50 10.35
C VAL A 72 -7.99 1.42 9.34
N GLY A 73 -8.66 0.29 9.40
CA GLY A 73 -8.37 -0.80 8.43
C GLY A 73 -8.33 -0.22 7.02
N GLY A 74 -9.00 0.89 6.83
CA GLY A 74 -8.99 1.53 5.48
C GLY A 74 -7.62 2.16 5.27
N GLN A 75 -7.07 2.80 6.27
CA GLN A 75 -5.73 3.40 6.11
C GLN A 75 -4.78 2.26 5.73
N VAL A 76 -5.17 1.05 6.07
CA VAL A 76 -4.31 -0.12 5.72
C VAL A 76 -4.60 -0.55 4.28
N ASN A 77 -5.85 -0.79 3.95
CA ASN A 77 -6.17 -1.19 2.55
C ASN A 77 -5.65 -0.11 1.61
N LEU A 78 -5.33 1.02 2.15
CA LEU A 78 -4.80 2.14 1.33
C LEU A 78 -3.28 2.00 1.23
N LEU A 79 -2.60 2.14 2.33
CA LEU A 79 -1.12 2.03 2.32
C LEU A 79 -0.69 0.75 1.58
N ILE A 80 -1.61 -0.16 1.32
CA ILE A 80 -1.24 -1.43 0.61
C ILE A 80 -1.51 -1.29 -0.90
N GLN A 81 -2.70 -0.95 -1.31
CA GLN A 81 -2.93 -0.82 -2.78
C GLN A 81 -1.91 0.17 -3.33
N GLN A 82 -1.24 0.88 -2.46
CA GLN A 82 -0.20 1.85 -2.92
C GLN A 82 1.15 1.13 -2.87
N ALA A 83 1.45 0.52 -1.76
CA ALA A 83 2.74 -0.20 -1.61
C ALA A 83 2.95 -1.17 -2.78
N ILE A 84 1.95 -1.35 -3.61
CA ILE A 84 2.10 -2.28 -4.76
C ILE A 84 3.47 -2.08 -5.42
N ASP A 85 4.10 -0.96 -5.19
CA ASP A 85 5.45 -0.71 -5.78
C ASP A 85 6.32 -1.95 -5.49
N PRO A 86 7.50 -2.02 -6.05
CA PRO A 86 8.41 -3.18 -5.84
C PRO A 86 8.34 -3.72 -4.40
N LYS A 87 7.92 -2.90 -3.47
CA LYS A 87 7.81 -3.38 -2.06
C LYS A 87 7.02 -4.68 -2.06
N ASN A 88 6.18 -4.86 -3.04
CA ASN A 88 5.38 -6.11 -3.13
C ASN A 88 6.32 -7.25 -3.54
N LEU A 89 7.15 -7.01 -4.52
CA LEU A 89 8.10 -8.06 -4.96
C LEU A 89 8.83 -8.60 -3.73
N SER A 90 9.14 -7.74 -2.80
CA SER A 90 9.84 -8.19 -1.57
C SER A 90 8.83 -8.87 -0.65
N ARG A 91 7.58 -8.51 -0.75
CA ARG A 91 6.53 -9.14 0.12
C ARG A 91 6.45 -10.63 -0.20
N LEU A 92 6.62 -11.01 -1.43
CA LEU A 92 6.55 -12.47 -1.78
C LEU A 92 7.37 -13.26 -0.77
N PHE A 93 8.29 -12.60 -0.12
CA PHE A 93 9.14 -13.27 0.92
C PHE A 93 8.82 -12.63 2.28
N PRO A 94 7.84 -13.13 2.99
CA PRO A 94 7.44 -12.56 4.31
C PRO A 94 8.64 -12.18 5.17
N GLY A 95 9.80 -12.67 4.82
CA GLY A 95 11.01 -12.33 5.61
C GLY A 95 11.29 -10.83 5.53
N TRP A 96 10.53 -10.10 4.74
CA TRP A 96 10.77 -8.64 4.64
C TRP A 96 10.48 -8.00 6.00
N LYS A 97 9.87 -8.73 6.89
CA LYS A 97 9.55 -8.17 8.24
C LYS A 97 10.84 -7.72 8.94
N ALA A 98 11.99 -8.04 8.38
CA ALA A 98 13.28 -7.64 9.00
C ALA A 98 14.09 -6.85 7.99
N TRP A 99 13.78 -7.00 6.74
CA TRP A 99 14.54 -6.27 5.69
C TRP A 99 14.18 -4.79 5.74
N VAL A 100 13.17 -4.43 6.50
CA VAL A 100 12.77 -3.01 6.59
C VAL A 100 14.01 -2.14 6.84
N THR A 68 -9.94 5.67 17.61
CA THR A 68 -10.90 5.02 16.66
C THR A 68 -11.15 5.94 15.48
N VAL A 69 -10.82 5.49 14.29
CA VAL A 69 -11.04 6.33 13.07
C VAL A 69 -12.12 5.67 12.20
N LEU A 70 -13.19 5.23 12.80
CA LEU A 70 -14.31 4.57 12.05
C LEU A 70 -13.83 3.24 11.44
N SER A 71 -12.59 3.15 11.07
CA SER A 71 -12.06 1.88 10.50
C SER A 71 -10.64 2.10 9.99
N VAL A 72 -9.70 1.56 10.69
CA VAL A 72 -8.28 1.71 10.28
C VAL A 72 -8.09 1.18 8.85
N GLY A 73 -8.88 0.21 8.47
CA GLY A 73 -8.76 -0.36 7.10
C GLY A 73 -8.69 0.76 6.05
N GLY A 74 -8.94 1.97 6.44
CA GLY A 74 -8.89 3.09 5.44
C GLY A 74 -7.44 3.42 5.07
N GLN A 75 -6.66 3.87 6.02
CA GLN A 75 -5.26 4.23 5.71
C GLN A 75 -4.42 2.96 5.55
N VAL A 76 -4.81 1.92 6.21
CA VAL A 76 -4.03 0.65 6.10
C VAL A 76 -4.22 0.08 4.69
N ASN A 77 -5.44 -0.16 4.30
CA ASN A 77 -5.69 -0.69 2.92
C ASN A 77 -4.97 0.22 1.92
N LEU A 78 -5.08 1.51 2.09
CA LEU A 78 -4.39 2.44 1.15
C LEU A 78 -2.88 2.12 1.18
N LEU A 79 -2.39 1.65 2.29
CA LEU A 79 -0.94 1.34 2.40
C LEU A 79 -0.60 0.06 1.62
N ILE A 80 -1.52 -0.86 1.49
CA ILE A 80 -1.20 -2.14 0.76
C ILE A 80 -1.27 -1.91 -0.74
N GLN A 81 -2.06 -0.98 -1.19
CA GLN A 81 -2.17 -0.72 -2.66
C GLN A 81 -1.21 0.40 -3.03
N GLN A 82 -0.66 1.08 -2.05
CA GLN A 82 0.28 2.21 -2.34
C GLN A 82 1.73 1.71 -2.29
N ALA A 83 2.17 1.32 -1.13
CA ALA A 83 3.59 0.86 -0.99
C ALA A 83 3.98 -0.07 -2.14
N ILE A 84 3.03 -0.58 -2.88
CA ILE A 84 3.36 -1.50 -4.02
C ILE A 84 2.63 -1.02 -5.28
N ASP A 85 2.43 0.27 -5.41
CA ASP A 85 1.74 0.79 -6.62
C ASP A 85 0.31 0.20 -6.68
N PRO A 86 -0.63 0.91 -7.26
CA PRO A 86 -2.04 0.42 -7.38
C PRO A 86 -2.19 -0.68 -8.43
N LYS A 87 -1.32 -0.70 -9.41
CA LYS A 87 -1.43 -1.75 -10.46
C LYS A 87 -1.59 -3.13 -9.81
N ASN A 88 -1.14 -3.27 -8.59
CA ASN A 88 -1.27 -4.58 -7.90
C ASN A 88 -2.74 -4.83 -7.57
N LEU A 89 -3.40 -3.86 -6.99
CA LEU A 89 -4.84 -4.03 -6.65
C LEU A 89 -5.65 -4.22 -7.94
N SER A 90 -5.14 -3.75 -9.04
CA SER A 90 -5.88 -3.89 -10.32
C SER A 90 -5.67 -5.29 -10.88
N ARG A 91 -4.45 -5.76 -10.91
CA ARG A 91 -4.19 -7.13 -11.46
C ARG A 91 -4.64 -8.19 -10.44
N LEU A 92 -4.18 -8.09 -9.21
CA LEU A 92 -4.58 -9.09 -8.18
C LEU A 92 -6.09 -9.32 -8.26
N PHE A 93 -6.79 -8.39 -8.87
CA PHE A 93 -8.27 -8.51 -9.02
C PHE A 93 -8.57 -8.72 -10.52
N PRO A 94 -8.72 -9.96 -10.96
CA PRO A 94 -9.00 -10.26 -12.40
C PRO A 94 -10.03 -9.30 -13.02
N GLY A 95 -10.71 -8.55 -12.20
CA GLY A 95 -11.74 -7.61 -12.73
C GLY A 95 -11.13 -6.65 -13.75
N TRP A 96 -9.84 -6.48 -13.78
CA TRP A 96 -9.25 -5.52 -14.76
C TRP A 96 -9.47 -6.04 -16.19
N LYS A 97 -9.72 -7.30 -16.33
CA LYS A 97 -9.94 -7.85 -17.71
C LYS A 97 -11.18 -7.22 -18.32
N ALA A 98 -11.96 -6.53 -17.53
CA ALA A 98 -13.21 -5.88 -18.03
C ALA A 98 -13.07 -4.37 -17.89
N TRP A 99 -12.20 -3.93 -17.04
CA TRP A 99 -12.04 -2.46 -16.85
C TRP A 99 -11.37 -1.86 -18.08
N VAL A 100 -10.80 -2.68 -18.92
CA VAL A 100 -10.14 -2.15 -20.14
C VAL A 100 -11.14 -1.31 -20.94
N THR A 68 -16.39 7.86 11.95
CA THR A 68 -14.94 7.91 11.62
C THR A 68 -14.13 8.06 12.90
N VAL A 69 -13.24 7.14 13.17
CA VAL A 69 -12.43 7.23 14.41
C VAL A 69 -11.35 6.13 14.37
N LEU A 70 -10.11 6.51 14.45
CA LEU A 70 -9.02 5.50 14.41
C LEU A 70 -9.24 4.54 13.24
N SER A 71 -10.15 4.85 12.36
CA SER A 71 -10.41 3.95 11.18
C SER A 71 -9.08 3.51 10.59
N VAL A 72 -8.81 2.24 10.70
CA VAL A 72 -7.53 1.69 10.19
C VAL A 72 -7.69 1.13 8.77
N GLY A 73 -8.67 0.30 8.54
CA GLY A 73 -8.84 -0.26 7.17
C GLY A 73 -8.80 0.87 6.13
N GLY A 74 -8.90 2.09 6.58
CA GLY A 74 -8.88 3.23 5.61
C GLY A 74 -7.44 3.57 5.21
N GLN A 75 -6.62 3.97 6.14
CA GLN A 75 -5.22 4.32 5.78
C GLN A 75 -4.45 3.03 5.50
N VAL A 76 -4.80 1.98 6.16
CA VAL A 76 -4.10 0.69 5.91
C VAL A 76 -4.43 0.24 4.49
N ASN A 77 -5.68 0.02 4.19
CA ASN A 77 -6.06 -0.41 2.81
C ASN A 77 -5.40 0.53 1.80
N LEU A 78 -5.21 1.77 2.16
CA LEU A 78 -4.58 2.73 1.20
C LEU A 78 -3.06 2.51 1.19
N LEU A 79 -2.49 2.08 2.27
CA LEU A 79 -1.01 1.86 2.30
C LEU A 79 -0.66 0.60 1.48
N ILE A 80 -1.50 -0.41 1.49
CA ILE A 80 -1.18 -1.64 0.71
C ILE A 80 -1.51 -1.41 -0.77
N GLN A 81 -2.61 -0.79 -1.08
CA GLN A 81 -2.97 -0.56 -2.51
C GLN A 81 -1.97 0.42 -3.16
N GLN A 82 -1.39 1.32 -2.41
CA GLN A 82 -0.40 2.26 -3.01
C GLN A 82 1.01 1.64 -2.93
N ALA A 83 1.22 0.79 -1.96
CA ALA A 83 2.55 0.13 -1.80
C ALA A 83 2.72 -0.99 -2.83
N ILE A 84 1.66 -1.34 -3.55
CA ILE A 84 1.75 -2.45 -4.54
C ILE A 84 3.09 -2.42 -5.26
N ASP A 85 3.41 -1.33 -5.91
CA ASP A 85 4.72 -1.24 -6.62
C ASP A 85 4.93 0.21 -7.10
N PRO A 86 6.06 0.82 -6.82
CA PRO A 86 6.33 2.21 -7.26
C PRO A 86 6.70 2.30 -8.75
N LYS A 87 6.59 1.21 -9.47
CA LYS A 87 6.93 1.24 -10.91
C LYS A 87 6.22 2.41 -11.57
N ASN A 88 5.02 2.71 -11.14
CA ASN A 88 4.28 3.85 -11.75
C ASN A 88 4.88 5.17 -11.25
N LEU A 89 5.12 5.26 -9.97
CA LEU A 89 5.70 6.51 -9.40
C LEU A 89 7.06 6.78 -10.05
N SER A 90 7.85 5.77 -10.23
CA SER A 90 9.19 5.97 -10.85
C SER A 90 9.06 6.18 -12.36
N ARG A 91 7.97 5.75 -12.94
CA ARG A 91 7.80 5.93 -14.41
C ARG A 91 7.43 7.38 -14.71
N LEU A 92 6.78 8.06 -13.79
CA LEU A 92 6.41 9.49 -14.04
C LEU A 92 7.63 10.23 -14.60
N PHE A 93 8.78 9.65 -14.43
CA PHE A 93 10.05 10.27 -14.95
C PHE A 93 10.74 9.25 -15.86
N PRO A 94 10.36 9.20 -17.12
CA PRO A 94 10.95 8.23 -18.10
C PRO A 94 12.45 8.06 -17.92
N GLY A 95 13.08 8.97 -17.23
CA GLY A 95 14.55 8.87 -17.02
C GLY A 95 14.90 7.61 -16.22
N TRP A 96 13.92 6.88 -15.75
CA TRP A 96 14.25 5.64 -14.96
C TRP A 96 14.88 4.61 -15.90
N LYS A 97 14.83 4.84 -17.18
CA LYS A 97 15.40 3.87 -18.14
C LYS A 97 16.91 3.73 -17.91
N ALA A 98 17.48 4.62 -17.13
CA ALA A 98 18.95 4.57 -16.85
C ALA A 98 19.16 4.46 -15.34
N TRP A 99 18.19 4.83 -14.57
CA TRP A 99 18.35 4.76 -13.10
C TRP A 99 18.34 3.30 -12.65
N VAL A 100 17.91 2.42 -13.52
CA VAL A 100 17.87 0.98 -13.17
C VAL A 100 19.27 0.48 -12.83
N THR A 68 -16.41 0.01 13.66
CA THR A 68 -15.26 0.84 14.16
C THR A 68 -15.40 2.29 13.66
N VAL A 69 -14.82 3.22 14.37
CA VAL A 69 -14.92 4.64 13.95
C VAL A 69 -13.96 4.88 12.78
N LEU A 70 -14.47 5.30 11.67
CA LEU A 70 -13.61 5.54 10.47
C LEU A 70 -12.92 4.24 10.05
N SER A 71 -12.94 3.23 10.89
CA SER A 71 -12.28 1.95 10.52
C SER A 71 -10.89 2.20 9.98
N VAL A 72 -9.91 2.05 10.81
CA VAL A 72 -8.51 2.26 10.38
C VAL A 72 -8.26 1.58 9.04
N GLY A 73 -9.02 0.56 8.74
CA GLY A 73 -8.85 -0.16 7.45
C GLY A 73 -8.73 0.86 6.30
N GLY A 74 -9.09 2.09 6.55
CA GLY A 74 -9.00 3.11 5.47
C GLY A 74 -7.54 3.44 5.18
N GLN A 75 -6.78 3.79 6.18
CA GLN A 75 -5.35 4.12 5.96
C GLN A 75 -4.57 2.84 5.69
N VAL A 76 -4.97 1.75 6.29
CA VAL A 76 -4.25 0.47 6.06
C VAL A 76 -4.54 -0.01 4.65
N ASN A 77 -5.79 -0.25 4.33
CA ASN A 77 -6.13 -0.70 2.95
C ASN A 77 -5.57 0.29 1.94
N LEU A 78 -5.37 1.52 2.35
CA LEU A 78 -4.83 2.53 1.40
C LEU A 78 -3.31 2.38 1.33
N LEU A 79 -2.69 2.18 2.46
CA LEU A 79 -1.20 2.04 2.47
C LEU A 79 -0.76 0.86 1.59
N ILE A 80 -1.53 -0.20 1.55
CA ILE A 80 -1.12 -1.36 0.72
C ILE A 80 -1.48 -1.06 -0.75
N GLN A 81 -2.69 -0.62 -1.02
CA GLN A 81 -3.06 -0.30 -2.43
C GLN A 81 -2.10 0.78 -2.96
N GLN A 82 -1.33 1.39 -2.09
CA GLN A 82 -0.40 2.45 -2.54
C GLN A 82 0.96 1.83 -2.94
N ALA A 83 1.58 1.09 -2.06
CA ALA A 83 2.90 0.48 -2.42
C ALA A 83 2.82 -0.20 -3.79
N ILE A 84 2.13 -1.31 -3.87
CA ILE A 84 1.96 -2.06 -5.14
C ILE A 84 3.15 -1.83 -6.11
N ASP A 85 4.29 -2.36 -5.77
CA ASP A 85 5.48 -2.17 -6.67
C ASP A 85 6.71 -2.84 -6.02
N PRO A 86 7.03 -2.51 -4.79
CA PRO A 86 8.20 -3.10 -4.09
C PRO A 86 7.88 -4.47 -3.47
N LYS A 87 6.81 -4.55 -2.72
CA LYS A 87 6.44 -5.86 -2.10
C LYS A 87 6.48 -6.94 -3.18
N ASN A 88 6.47 -6.56 -4.42
CA ASN A 88 6.50 -7.57 -5.51
C ASN A 88 7.92 -8.16 -5.59
N LEU A 89 8.90 -7.35 -5.85
CA LEU A 89 10.29 -7.88 -5.93
C LEU A 89 10.60 -8.60 -4.62
N SER A 90 9.91 -8.27 -3.57
CA SER A 90 10.16 -8.93 -2.26
C SER A 90 9.35 -10.22 -2.14
N ARG A 91 8.16 -10.25 -2.69
CA ARG A 91 7.32 -11.46 -2.59
C ARG A 91 7.87 -12.56 -3.50
N LEU A 92 8.67 -12.20 -4.47
CA LEU A 92 9.21 -13.25 -5.40
C LEU A 92 10.35 -14.02 -4.73
N PHE A 93 10.72 -13.68 -3.53
CA PHE A 93 11.83 -14.44 -2.88
C PHE A 93 11.81 -14.27 -1.34
N PRO A 94 12.18 -13.14 -0.79
CA PRO A 94 12.20 -12.95 0.70
C PRO A 94 10.77 -12.90 1.30
N GLY A 95 9.94 -12.05 0.79
CA GLY A 95 8.56 -11.93 1.33
C GLY A 95 7.93 -13.32 1.51
N TRP A 96 8.54 -14.34 0.97
CA TRP A 96 7.97 -15.71 1.13
C TRP A 96 7.64 -15.97 2.60
N LYS A 97 8.23 -15.21 3.49
CA LYS A 97 7.96 -15.41 4.94
C LYS A 97 6.47 -15.24 5.24
N ALA A 98 5.70 -14.79 4.28
CA ALA A 98 4.24 -14.61 4.51
C ALA A 98 3.51 -15.83 3.98
N TRP A 99 4.17 -16.58 3.16
CA TRP A 99 3.53 -17.76 2.55
C TRP A 99 3.40 -18.87 3.60
N VAL A 100 4.24 -18.89 4.58
CA VAL A 100 4.16 -19.94 5.62
C VAL A 100 2.80 -19.88 6.32
N THR A 68 -9.94 6.77 14.17
CA THR A 68 -9.73 7.21 12.77
C THR A 68 -11.09 7.45 12.10
N VAL A 69 -11.21 7.08 10.87
CA VAL A 69 -12.49 7.29 10.14
C VAL A 69 -13.44 6.13 10.45
N LEU A 70 -13.66 5.87 11.71
CA LEU A 70 -14.58 4.76 12.11
C LEU A 70 -14.03 3.44 11.55
N SER A 71 -12.86 3.49 10.97
CA SER A 71 -12.25 2.25 10.42
C SER A 71 -10.84 2.55 9.96
N VAL A 72 -9.88 1.93 10.58
CA VAL A 72 -8.47 2.15 10.21
C VAL A 72 -8.17 1.51 8.87
N GLY A 73 -8.90 0.47 8.53
CA GLY A 73 -8.68 -0.21 7.22
C GLY A 73 -8.55 0.83 6.11
N GLY A 74 -8.98 2.04 6.36
CA GLY A 74 -8.87 3.09 5.32
C GLY A 74 -7.40 3.40 5.04
N GLN A 75 -6.65 3.72 6.05
CA GLN A 75 -5.21 4.04 5.83
C GLN A 75 -4.43 2.76 5.57
N VAL A 76 -4.79 1.69 6.23
CA VAL A 76 -4.06 0.41 6.01
C VAL A 76 -4.30 -0.05 4.57
N ASN A 77 -5.53 -0.27 4.20
CA ASN A 77 -5.80 -0.72 2.79
C ASN A 77 -5.15 0.28 1.83
N LEU A 78 -5.06 1.52 2.21
CA LEU A 78 -4.44 2.53 1.30
C LEU A 78 -2.93 2.32 1.28
N LEU A 79 -2.34 1.97 2.40
CA LEU A 79 -0.86 1.77 2.43
C LEU A 79 -0.49 0.61 1.49
N ILE A 80 -1.27 -0.44 1.46
CA ILE A 80 -0.92 -1.59 0.57
C ILE A 80 -1.41 -1.30 -0.86
N GLN A 81 -2.62 -0.85 -1.04
CA GLN A 81 -3.12 -0.58 -2.42
C GLN A 81 -2.13 0.35 -3.15
N GLN A 82 -1.60 1.33 -2.49
CA GLN A 82 -0.65 2.27 -3.18
C GLN A 82 0.74 1.64 -3.26
N ALA A 83 1.11 0.83 -2.29
CA ALA A 83 2.47 0.22 -2.31
C ALA A 83 2.61 -0.76 -3.48
N ILE A 84 1.54 -1.08 -4.18
CA ILE A 84 1.65 -2.04 -5.34
C ILE A 84 1.38 -1.32 -6.66
N ASP A 85 1.46 -0.02 -6.69
CA ASP A 85 1.22 0.71 -7.98
C ASP A 85 1.87 2.10 -7.90
N PRO A 86 2.30 2.64 -9.01
CA PRO A 86 2.95 3.99 -9.05
C PRO A 86 1.93 5.11 -8.81
N LYS A 87 0.83 4.80 -8.17
CA LYS A 87 -0.20 5.85 -7.91
C LYS A 87 0.47 7.07 -7.29
N ASN A 88 1.45 6.86 -6.45
CA ASN A 88 2.16 8.01 -5.83
C ASN A 88 2.77 8.88 -6.92
N LEU A 89 3.07 8.29 -8.05
CA LEU A 89 3.68 9.07 -9.16
C LEU A 89 2.57 9.81 -9.92
N SER A 90 1.61 9.08 -10.43
CA SER A 90 0.49 9.76 -11.16
C SER A 90 -0.13 10.83 -10.27
N ARG A 91 0.04 10.71 -8.99
CA ARG A 91 -0.53 11.71 -8.06
C ARG A 91 0.34 12.98 -8.08
N LEU A 92 1.57 12.88 -7.67
CA LEU A 92 2.46 14.07 -7.67
C LEU A 92 2.40 14.73 -9.06
N PHE A 93 2.10 13.99 -10.07
CA PHE A 93 2.03 14.59 -11.44
C PHE A 93 1.02 15.77 -11.42
N PRO A 94 1.14 16.68 -12.36
CA PRO A 94 0.22 17.85 -12.45
C PRO A 94 -1.25 17.50 -12.16
N GLY A 95 -1.59 16.24 -12.15
CA GLY A 95 -3.00 15.85 -11.88
C GLY A 95 -3.54 16.58 -10.65
N TRP A 96 -2.77 16.64 -9.60
CA TRP A 96 -3.24 17.33 -8.37
C TRP A 96 -3.61 18.79 -8.68
N LYS A 97 -3.07 19.33 -9.72
CA LYS A 97 -3.36 20.76 -10.06
C LYS A 97 -4.85 20.96 -10.29
N ALA A 98 -5.62 19.89 -10.34
CA ALA A 98 -7.09 20.02 -10.55
C ALA A 98 -7.79 19.61 -9.27
N TRP A 99 -7.11 18.86 -8.45
CA TRP A 99 -7.73 18.39 -7.19
C TRP A 99 -7.75 19.54 -6.18
N VAL A 100 -6.97 20.56 -6.42
CA VAL A 100 -6.92 21.71 -5.50
C VAL A 100 -8.29 22.39 -5.48
N THR A 68 -17.28 4.67 17.72
CA THR A 68 -17.13 3.37 17.02
C THR A 68 -15.64 3.02 16.93
N VAL A 69 -15.15 2.76 15.75
CA VAL A 69 -13.71 2.42 15.57
C VAL A 69 -13.11 3.31 14.48
N LEU A 70 -13.90 4.20 13.93
CA LEU A 70 -13.38 5.11 12.86
C LEU A 70 -12.87 4.31 11.67
N SER A 71 -12.80 3.01 11.79
CA SER A 71 -12.31 2.17 10.65
C SER A 71 -10.93 2.63 10.23
N VAL A 72 -9.95 1.82 10.51
CA VAL A 72 -8.54 2.15 10.16
C VAL A 72 -8.19 1.51 8.81
N GLY A 73 -8.85 0.44 8.46
CA GLY A 73 -8.55 -0.24 7.17
C GLY A 73 -8.44 0.80 6.05
N GLY A 74 -9.04 1.94 6.23
CA GLY A 74 -8.98 2.99 5.19
C GLY A 74 -7.52 3.40 4.95
N GLN A 75 -6.78 3.63 6.00
CA GLN A 75 -5.36 4.04 5.83
C GLN A 75 -4.50 2.79 5.61
N VAL A 76 -4.70 1.77 6.41
CA VAL A 76 -3.89 0.54 6.22
C VAL A 76 -4.09 0.03 4.80
N ASN A 77 -5.31 -0.11 4.37
CA ASN A 77 -5.57 -0.59 3.00
C ASN A 77 -4.90 0.38 2.02
N LEU A 78 -5.14 1.65 2.18
CA LEU A 78 -4.51 2.64 1.26
C LEU A 78 -3.02 2.33 1.13
N LEU A 79 -2.39 1.90 2.19
CA LEU A 79 -0.94 1.59 2.13
C LEU A 79 -0.71 0.32 1.30
N ILE A 80 -1.61 -0.63 1.35
CA ILE A 80 -1.40 -1.88 0.55
C ILE A 80 -1.68 -1.59 -0.93
N GLN A 81 -2.60 -0.70 -1.20
CA GLN A 81 -2.92 -0.37 -2.60
C GLN A 81 -1.82 0.50 -3.19
N GLN A 82 -1.06 1.15 -2.35
CA GLN A 82 0.05 2.02 -2.86
C GLN A 82 1.26 1.15 -3.20
N ALA A 83 1.75 0.40 -2.27
CA ALA A 83 2.93 -0.44 -2.53
C ALA A 83 2.52 -1.70 -3.30
N ILE A 84 1.41 -2.29 -2.94
CA ILE A 84 0.91 -3.50 -3.64
C ILE A 84 1.95 -4.64 -3.59
N ASP A 85 3.19 -4.36 -3.29
CA ASP A 85 4.21 -5.45 -3.24
C ASP A 85 4.15 -6.14 -1.87
N PRO A 86 4.06 -7.46 -1.82
CA PRO A 86 4.01 -8.21 -0.53
C PRO A 86 5.39 -8.34 0.12
N LYS A 87 6.42 -7.85 -0.55
CA LYS A 87 7.78 -7.95 0.03
C LYS A 87 7.88 -7.03 1.25
N ASN A 88 7.01 -6.06 1.33
CA ASN A 88 7.03 -5.12 2.49
C ASN A 88 6.13 -5.68 3.59
N LEU A 89 4.85 -5.82 3.32
CA LEU A 89 3.91 -6.34 4.35
C LEU A 89 4.50 -7.62 4.96
N SER A 90 5.34 -8.30 4.23
CA SER A 90 5.95 -9.56 4.75
C SER A 90 7.31 -9.28 5.39
N ARG A 91 8.14 -8.51 4.75
CA ARG A 91 9.49 -8.20 5.32
C ARG A 91 9.32 -7.59 6.72
N LEU A 92 8.34 -6.75 6.91
CA LEU A 92 8.16 -6.13 8.26
C LEU A 92 8.17 -7.21 9.33
N PHE A 93 8.11 -8.46 8.92
CA PHE A 93 8.12 -9.58 9.91
C PHE A 93 8.86 -10.78 9.29
N PRO A 94 9.97 -11.24 9.88
CA PRO A 94 10.73 -12.39 9.33
C PRO A 94 9.83 -13.54 8.86
N GLY A 95 8.57 -13.49 9.19
CA GLY A 95 7.63 -14.58 8.79
C GLY A 95 7.55 -14.69 7.26
N TRP A 96 8.21 -13.82 6.54
CA TRP A 96 8.14 -13.92 5.05
C TRP A 96 8.88 -15.18 4.59
N LYS A 97 9.59 -15.81 5.49
CA LYS A 97 10.35 -17.04 5.13
C LYS A 97 9.41 -18.15 4.65
N ALA A 98 8.13 -17.95 4.80
CA ALA A 98 7.15 -18.98 4.37
C ALA A 98 6.47 -18.51 3.10
N TRP A 99 6.52 -17.24 2.85
CA TRP A 99 5.86 -16.68 1.64
C TRP A 99 6.70 -16.97 0.41
N VAL A 100 7.76 -17.73 0.56
CA VAL A 100 8.62 -18.05 -0.62
C VAL A 100 7.76 -18.61 -1.74
N THR A 68 -6.16 9.56 12.89
CA THR A 68 -7.35 9.65 13.78
C THR A 68 -7.68 8.25 14.33
N VAL A 69 -8.88 7.77 14.10
CA VAL A 69 -9.25 6.43 14.60
C VAL A 69 -10.57 6.00 13.92
N LEU A 70 -11.39 6.97 13.61
CA LEU A 70 -12.72 6.70 12.95
C LEU A 70 -12.66 5.45 12.06
N SER A 71 -11.53 5.17 11.47
CA SER A 71 -11.42 3.97 10.60
C SER A 71 -9.97 3.61 10.37
N VAL A 72 -9.63 2.39 10.65
CA VAL A 72 -8.22 1.94 10.46
C VAL A 72 -8.08 1.26 9.09
N GLY A 73 -8.93 0.32 8.78
CA GLY A 73 -8.83 -0.36 7.46
C GLY A 73 -8.73 0.67 6.34
N GLY A 74 -8.93 1.93 6.66
CA GLY A 74 -8.83 2.98 5.62
C GLY A 74 -7.37 3.26 5.28
N GLN A 75 -6.57 3.59 6.26
CA GLN A 75 -5.14 3.88 6.00
C GLN A 75 -4.39 2.58 5.74
N VAL A 76 -4.87 1.48 6.27
CA VAL A 76 -4.19 0.18 6.05
C VAL A 76 -4.43 -0.27 4.62
N ASN A 77 -5.67 -0.51 4.25
CA ASN A 77 -5.94 -0.95 2.85
C ASN A 77 -5.27 0.04 1.89
N LEU A 78 -5.27 1.29 2.25
CA LEU A 78 -4.64 2.32 1.40
C LEU A 78 -3.13 2.09 1.37
N LEU A 79 -2.55 1.79 2.51
CA LEU A 79 -1.08 1.57 2.56
C LEU A 79 -0.69 0.44 1.58
N ILE A 80 -1.31 -0.71 1.69
CA ILE A 80 -0.93 -1.84 0.78
C ILE A 80 -1.34 -1.50 -0.67
N GLN A 81 -2.47 -0.89 -0.88
CA GLN A 81 -2.89 -0.56 -2.28
C GLN A 81 -1.92 0.46 -2.89
N GLN A 82 -1.52 1.45 -2.15
CA GLN A 82 -0.60 2.48 -2.71
C GLN A 82 0.85 1.98 -2.64
N ALA A 83 1.18 1.22 -1.64
CA ALA A 83 2.58 0.75 -1.50
C ALA A 83 2.90 -0.35 -2.52
N ILE A 84 2.23 -1.47 -2.44
CA ILE A 84 2.51 -2.58 -3.39
C ILE A 84 4.02 -2.75 -3.57
N ASP A 85 4.74 -2.95 -2.50
CA ASP A 85 6.22 -3.13 -2.60
C ASP A 85 6.77 -3.89 -1.38
N PRO A 86 6.27 -3.63 -0.18
CA PRO A 86 6.76 -4.31 1.04
C PRO A 86 5.90 -5.54 1.37
N LYS A 87 5.44 -6.24 0.37
CA LYS A 87 4.60 -7.45 0.62
C LYS A 87 5.36 -8.38 1.56
N ASN A 88 6.65 -8.33 1.54
CA ASN A 88 7.46 -9.21 2.43
C ASN A 88 7.42 -8.64 3.85
N LEU A 89 8.04 -7.52 4.07
CA LEU A 89 8.05 -6.91 5.43
C LEU A 89 6.62 -6.86 5.97
N SER A 90 5.65 -6.81 5.10
CA SER A 90 4.24 -6.76 5.57
C SER A 90 3.79 -8.14 6.03
N ARG A 91 3.97 -9.15 5.21
CA ARG A 91 3.55 -10.52 5.60
C ARG A 91 4.10 -10.83 6.99
N LEU A 92 5.23 -10.27 7.34
CA LEU A 92 5.80 -10.55 8.70
C LEU A 92 4.77 -10.14 9.76
N PHE A 93 4.00 -9.13 9.50
CA PHE A 93 2.99 -8.70 10.51
C PHE A 93 1.92 -9.78 10.63
N PRO A 94 1.27 -9.89 11.77
CA PRO A 94 0.22 -10.93 11.99
C PRO A 94 -1.10 -10.60 11.28
N GLY A 95 -1.27 -9.39 10.82
CA GLY A 95 -2.54 -9.03 10.13
C GLY A 95 -2.64 -9.72 8.77
N TRP A 96 -1.56 -10.30 8.31
CA TRP A 96 -1.57 -10.98 6.97
C TRP A 96 -1.98 -12.45 7.14
N LYS A 97 -2.11 -12.91 8.35
CA LYS A 97 -2.48 -14.33 8.59
C LYS A 97 -3.70 -14.74 7.77
N ALA A 98 -4.52 -13.79 7.39
CA ALA A 98 -5.74 -14.12 6.59
C ALA A 98 -5.62 -13.52 5.21
N TRP A 99 -4.77 -12.55 5.04
CA TRP A 99 -4.63 -11.91 3.72
C TRP A 99 -3.89 -12.85 2.76
N VAL A 100 -3.30 -13.88 3.27
CA VAL A 100 -2.56 -14.83 2.40
C VAL A 100 -3.48 -15.30 1.27
N THR A 68 -11.70 7.80 16.78
CA THR A 68 -11.52 6.74 15.73
C THR A 68 -12.83 5.99 15.52
N VAL A 69 -13.11 5.57 14.31
CA VAL A 69 -14.36 4.83 14.02
C VAL A 69 -14.36 4.37 12.57
N LEU A 70 -14.07 5.26 11.66
CA LEU A 70 -14.06 4.89 10.22
C LEU A 70 -13.25 3.60 10.02
N SER A 71 -12.57 3.16 11.03
CA SER A 71 -11.76 1.91 10.90
C SER A 71 -10.49 2.21 10.12
N VAL A 72 -9.37 1.85 10.70
CA VAL A 72 -8.07 2.12 10.04
C VAL A 72 -8.02 1.40 8.68
N GLY A 73 -8.76 0.34 8.52
CA GLY A 73 -8.74 -0.42 7.24
C GLY A 73 -8.74 0.55 6.04
N GLY A 74 -9.11 1.78 6.27
CA GLY A 74 -9.13 2.77 5.16
C GLY A 74 -7.70 3.24 4.88
N GLN A 75 -7.01 3.69 5.88
CA GLN A 75 -5.61 4.16 5.66
C GLN A 75 -4.72 2.96 5.41
N VAL A 76 -4.99 1.87 6.09
CA VAL A 76 -4.17 0.66 5.88
C VAL A 76 -4.40 0.16 4.46
N ASN A 77 -5.64 -0.03 4.09
CA ASN A 77 -5.94 -0.49 2.70
C ASN A 77 -5.23 0.45 1.72
N LEU A 78 -5.06 1.69 2.07
CA LEU A 78 -4.36 2.64 1.16
C LEU A 78 -2.87 2.29 1.16
N LEU A 79 -2.31 2.11 2.33
CA LEU A 79 -0.86 1.79 2.43
C LEU A 79 -0.50 0.63 1.50
N ILE A 80 -1.26 -0.44 1.51
CA ILE A 80 -0.91 -1.59 0.63
C ILE A 80 -1.23 -1.23 -0.83
N GLN A 81 -2.36 -0.62 -1.10
CA GLN A 81 -2.68 -0.25 -2.50
C GLN A 81 -1.45 0.45 -3.12
N GLN A 82 -0.64 1.04 -2.29
CA GLN A 82 0.59 1.73 -2.81
C GLN A 82 1.78 0.78 -2.72
N ALA A 83 1.80 -0.06 -1.73
CA ALA A 83 2.94 -0.99 -1.55
C ALA A 83 2.70 -2.32 -2.27
N ILE A 84 1.50 -2.51 -2.77
CA ILE A 84 1.09 -3.77 -3.51
C ILE A 84 2.21 -4.81 -3.53
N ASP A 85 3.25 -4.51 -4.27
CA ASP A 85 4.42 -5.44 -4.37
C ASP A 85 3.97 -6.91 -4.37
N PRO A 86 3.21 -7.31 -5.35
CA PRO A 86 2.71 -8.71 -5.48
C PRO A 86 3.76 -9.63 -6.12
N LYS A 87 4.82 -9.07 -6.62
CA LYS A 87 5.87 -9.91 -7.27
C LYS A 87 6.41 -10.95 -6.27
N ASN A 88 6.28 -10.70 -5.00
CA ASN A 88 6.79 -11.68 -4.01
C ASN A 88 5.86 -12.90 -3.93
N LEU A 89 4.60 -12.67 -3.71
CA LEU A 89 3.64 -13.82 -3.61
C LEU A 89 3.43 -14.41 -5.01
N SER A 90 3.69 -13.65 -6.04
CA SER A 90 3.48 -14.17 -7.42
C SER A 90 4.69 -14.98 -7.88
N ARG A 91 5.89 -14.48 -7.69
CA ARG A 91 7.10 -15.23 -8.14
C ARG A 91 7.25 -16.52 -7.32
N LEU A 92 6.96 -16.48 -6.05
CA LEU A 92 7.11 -17.72 -5.22
C LEU A 92 6.05 -18.74 -5.63
N PHE A 93 5.34 -18.48 -6.70
CA PHE A 93 4.29 -19.46 -7.15
C PHE A 93 4.13 -19.38 -8.67
N PRO A 94 3.73 -20.46 -9.32
CA PRO A 94 3.52 -20.50 -10.79
C PRO A 94 2.91 -19.20 -11.34
N GLY A 95 2.26 -18.46 -10.49
CA GLY A 95 1.61 -17.19 -10.93
C GLY A 95 2.46 -16.41 -11.94
N TRP A 96 3.75 -16.31 -11.74
CA TRP A 96 4.58 -15.52 -12.71
C TRP A 96 5.14 -16.38 -13.84
N LYS A 97 5.37 -17.65 -13.62
CA LYS A 97 5.92 -18.49 -14.72
C LYS A 97 5.07 -18.32 -15.99
N ALA A 98 3.95 -17.64 -15.89
CA ALA A 98 3.09 -17.44 -17.08
C ALA A 98 3.22 -16.00 -17.55
N TRP A 99 3.69 -15.15 -16.68
CA TRP A 99 3.81 -13.72 -17.07
C TRP A 99 5.01 -13.55 -18.00
N VAL A 100 5.97 -14.42 -17.89
CA VAL A 100 7.17 -14.31 -18.78
C VAL A 100 6.73 -14.31 -20.24
N THR A 68 -14.51 1.41 18.56
CA THR A 68 -14.42 2.49 17.53
C THR A 68 -13.00 3.05 17.51
N VAL A 69 -12.51 3.33 16.34
CA VAL A 69 -11.16 3.93 16.20
C VAL A 69 -11.16 4.85 14.98
N LEU A 70 -10.14 5.63 14.82
CA LEU A 70 -10.07 6.57 13.66
C LEU A 70 -10.20 5.81 12.34
N SER A 71 -10.55 4.56 12.38
CA SER A 71 -10.71 3.75 11.14
C SER A 71 -9.33 3.36 10.61
N VAL A 72 -9.01 2.11 10.75
CA VAL A 72 -7.69 1.60 10.28
C VAL A 72 -7.83 1.01 8.88
N GLY A 73 -8.83 0.20 8.65
CA GLY A 73 -9.01 -0.40 7.30
C GLY A 73 -8.89 0.67 6.22
N GLY A 74 -8.91 1.92 6.61
CA GLY A 74 -8.80 3.01 5.60
C GLY A 74 -7.34 3.29 5.25
N GLN A 75 -6.57 3.75 6.20
CA GLN A 75 -5.14 4.04 5.91
C GLN A 75 -4.39 2.73 5.70
N VAL A 76 -5.03 1.63 5.99
CA VAL A 76 -4.36 0.31 5.81
C VAL A 76 -4.70 -0.25 4.43
N ASN A 77 -5.95 -0.54 4.18
CA ASN A 77 -6.32 -1.05 2.83
C ASN A 77 -5.77 -0.08 1.78
N LEU A 78 -5.48 1.11 2.19
CA LEU A 78 -4.92 2.13 1.26
C LEU A 78 -3.40 1.96 1.19
N LEU A 79 -2.70 2.26 2.25
CA LEU A 79 -1.22 2.13 2.23
C LEU A 79 -0.79 0.79 1.63
N ILE A 80 -1.70 -0.13 1.45
CA ILE A 80 -1.31 -1.45 0.87
C ILE A 80 -1.54 -1.45 -0.65
N GLN A 81 -2.74 -1.14 -1.11
CA GLN A 81 -2.94 -1.12 -2.59
C GLN A 81 -1.96 -0.16 -3.25
N GLN A 82 -1.42 0.78 -2.52
CA GLN A 82 -0.43 1.73 -3.14
C GLN A 82 0.99 1.20 -2.91
N ALA A 83 1.30 0.86 -1.68
CA ALA A 83 2.66 0.35 -1.39
C ALA A 83 2.89 -0.99 -2.09
N ILE A 84 2.17 -2.02 -1.69
CA ILE A 84 2.31 -3.35 -2.30
C ILE A 84 3.70 -3.92 -1.98
N ASP A 85 4.73 -3.12 -2.11
CA ASP A 85 6.12 -3.59 -1.79
C ASP A 85 7.14 -2.59 -2.39
N PRO A 86 7.16 -2.37 -3.69
CA PRO A 86 8.11 -1.42 -4.34
C PRO A 86 8.45 -0.20 -3.46
N LYS A 87 7.57 0.18 -2.57
CA LYS A 87 7.85 1.36 -1.71
C LYS A 87 9.27 1.28 -1.15
N ASN A 88 9.83 0.09 -1.09
CA ASN A 88 11.22 -0.05 -0.55
C ASN A 88 12.23 0.11 -1.69
N LEU A 89 12.31 -0.86 -2.58
CA LEU A 89 13.29 -0.75 -3.69
C LEU A 89 13.20 0.63 -4.33
N SER A 90 12.13 1.34 -4.06
CA SER A 90 11.95 2.69 -4.66
C SER A 90 12.45 3.78 -3.69
N ARG A 91 11.76 3.96 -2.60
CA ARG A 91 12.15 5.01 -1.62
C ARG A 91 13.60 4.84 -1.17
N LEU A 92 14.12 3.64 -1.19
CA LEU A 92 15.53 3.45 -0.74
C LEU A 92 16.47 4.35 -1.52
N PHE A 93 16.23 4.56 -2.79
CA PHE A 93 17.16 5.43 -3.55
C PHE A 93 16.53 5.90 -4.88
N PRO A 94 16.29 5.02 -5.82
CA PRO A 94 15.70 5.42 -7.15
C PRO A 94 14.32 6.07 -7.02
N GLY A 95 13.53 5.66 -6.06
CA GLY A 95 12.18 6.25 -5.89
C GLY A 95 12.27 7.78 -5.94
N TRP A 96 13.41 8.33 -5.62
CA TRP A 96 13.55 9.81 -5.65
C TRP A 96 13.18 10.34 -7.05
N LYS A 97 13.02 9.47 -8.00
CA LYS A 97 12.67 9.90 -9.37
C LYS A 97 11.30 10.59 -9.40
N ALA A 98 10.57 10.51 -8.32
CA ALA A 98 9.22 11.14 -8.26
C ALA A 98 9.35 12.46 -7.50
N TRP A 99 10.40 12.58 -6.76
CA TRP A 99 10.60 13.80 -5.95
C TRP A 99 11.10 14.94 -6.85
N VAL A 100 11.11 14.73 -8.13
CA VAL A 100 11.57 15.80 -9.06
C VAL A 100 10.84 17.10 -8.74
N THR A 68 -8.17 4.23 17.88
CA THR A 68 -8.76 4.05 16.54
C THR A 68 -9.71 5.21 16.21
N VAL A 69 -9.35 6.00 15.24
CA VAL A 69 -10.21 7.16 14.84
C VAL A 69 -10.09 7.38 13.32
N LEU A 70 -8.89 7.41 12.81
CA LEU A 70 -8.71 7.60 11.35
C LEU A 70 -9.16 6.32 10.62
N SER A 71 -9.70 5.39 11.36
CA SER A 71 -10.14 4.10 10.73
C SER A 71 -8.92 3.36 10.20
N VAL A 72 -8.59 2.30 10.84
CA VAL A 72 -7.41 1.51 10.43
C VAL A 72 -7.58 0.99 9.00
N GLY A 73 -8.62 0.26 8.72
CA GLY A 73 -8.81 -0.25 7.33
C GLY A 73 -8.75 0.92 6.35
N GLY A 74 -8.86 2.13 6.84
CA GLY A 74 -8.80 3.31 5.92
C GLY A 74 -7.37 3.51 5.44
N GLN A 75 -6.44 3.72 6.33
CA GLN A 75 -5.03 3.94 5.90
C GLN A 75 -4.39 2.59 5.62
N VAL A 76 -4.64 1.62 6.44
CA VAL A 76 -4.04 0.29 6.21
C VAL A 76 -4.39 -0.17 4.79
N ASN A 77 -5.62 -0.05 4.40
CA ASN A 77 -6.00 -0.45 3.03
C ASN A 77 -5.27 0.45 2.03
N LEU A 78 -5.45 1.73 2.14
CA LEU A 78 -4.75 2.66 1.19
C LEU A 78 -3.25 2.35 1.17
N LEU A 79 -2.71 1.88 2.28
CA LEU A 79 -1.25 1.59 2.32
C LEU A 79 -0.95 0.27 1.58
N ILE A 80 -1.87 -0.67 1.56
CA ILE A 80 -1.57 -1.96 0.88
C ILE A 80 -1.71 -1.78 -0.65
N GLN A 81 -2.53 -0.88 -1.12
CA GLN A 81 -2.68 -0.70 -2.60
C GLN A 81 -1.59 0.25 -3.12
N GLN A 82 -1.24 1.28 -2.39
CA GLN A 82 -0.24 2.26 -2.89
C GLN A 82 1.20 1.86 -2.48
N ALA A 83 1.40 1.40 -1.27
CA ALA A 83 2.78 1.04 -0.86
C ALA A 83 3.41 0.07 -1.85
N ILE A 84 2.95 -1.17 -1.88
CA ILE A 84 3.49 -2.20 -2.82
C ILE A 84 4.94 -1.89 -3.23
N ASP A 85 5.86 -1.93 -2.30
CA ASP A 85 7.29 -1.66 -2.60
C ASP A 85 7.45 -0.49 -3.61
N PRO A 86 7.81 0.69 -3.17
CA PRO A 86 7.97 1.86 -4.08
C PRO A 86 9.28 1.79 -4.88
N LYS A 87 9.77 0.60 -5.13
CA LYS A 87 11.03 0.45 -5.90
C LYS A 87 10.90 1.24 -7.21
N ASN A 88 9.73 1.24 -7.79
CA ASN A 88 9.52 1.99 -9.06
C ASN A 88 9.89 3.46 -8.82
N LEU A 89 9.37 4.04 -7.77
CA LEU A 89 9.69 5.46 -7.46
C LEU A 89 11.20 5.63 -7.35
N SER A 90 11.85 4.76 -6.63
CA SER A 90 13.33 4.86 -6.48
C SER A 90 14.01 4.43 -7.78
N ARG A 91 13.29 3.80 -8.66
CA ARG A 91 13.89 3.35 -9.94
C ARG A 91 14.16 4.57 -10.83
N LEU A 92 13.19 5.42 -11.00
CA LEU A 92 13.40 6.63 -11.86
C LEU A 92 14.67 7.34 -11.42
N PHE A 93 15.22 6.96 -10.29
CA PHE A 93 16.48 7.61 -9.78
C PHE A 93 17.58 6.55 -9.68
N PRO A 94 18.62 6.61 -10.49
CA PRO A 94 19.72 5.60 -10.46
C PRO A 94 20.15 5.26 -9.03
N GLY A 95 19.70 6.00 -8.07
CA GLY A 95 20.06 5.74 -6.65
C GLY A 95 20.00 4.24 -6.34
N TRP A 96 19.10 3.52 -6.95
CA TRP A 96 18.99 2.07 -6.65
C TRP A 96 20.36 1.38 -6.83
N LYS A 97 21.32 2.08 -7.36
CA LYS A 97 22.67 1.47 -7.57
C LYS A 97 23.25 0.98 -6.24
N ALA A 98 22.69 1.42 -5.15
CA ALA A 98 23.20 1.01 -3.81
C ALA A 98 22.23 0.01 -3.21
N TRP A 99 21.04 -0.01 -3.71
CA TRP A 99 20.00 -0.92 -3.18
C TRP A 99 20.27 -2.35 -3.66
N VAL A 100 21.27 -2.53 -4.48
CA VAL A 100 21.58 -3.90 -4.97
C VAL A 100 21.76 -4.84 -3.79
N THR A 68 -10.82 6.15 18.05
CA THR A 68 -10.82 5.77 16.60
C THR A 68 -11.98 4.81 16.32
N VAL A 69 -12.78 5.11 15.32
CA VAL A 69 -13.92 4.22 14.98
C VAL A 69 -14.13 4.25 13.46
N LEU A 70 -13.63 5.25 12.80
CA LEU A 70 -13.79 5.34 11.33
C LEU A 70 -13.13 4.12 10.68
N SER A 71 -12.57 3.24 11.48
CA SER A 71 -11.90 2.03 10.93
C SER A 71 -10.57 2.43 10.32
N VAL A 72 -9.51 1.96 10.91
CA VAL A 72 -8.15 2.29 10.39
C VAL A 72 -7.93 1.55 9.07
N GLY A 73 -8.62 0.47 8.87
CA GLY A 73 -8.47 -0.31 7.60
C GLY A 73 -8.44 0.65 6.41
N GLY A 74 -8.96 1.83 6.57
CA GLY A 74 -8.96 2.81 5.44
C GLY A 74 -7.52 3.19 5.11
N GLN A 75 -6.73 3.51 6.10
CA GLN A 75 -5.32 3.89 5.83
C GLN A 75 -4.47 2.63 5.61
N VAL A 76 -4.74 1.58 6.34
CA VAL A 76 -3.96 0.33 6.16
C VAL A 76 -4.20 -0.21 4.75
N ASN A 77 -5.42 -0.47 4.40
CA ASN A 77 -5.69 -0.99 3.04
C ASN A 77 -5.14 0.00 2.02
N LEU A 78 -5.49 1.25 2.14
CA LEU A 78 -4.97 2.27 1.19
C LEU A 78 -3.45 2.09 1.04
N LEU A 79 -2.78 1.72 2.10
CA LEU A 79 -1.32 1.52 2.02
C LEU A 79 -1.02 0.24 1.22
N ILE A 80 -1.93 -0.70 1.20
CA ILE A 80 -1.67 -1.96 0.44
C ILE A 80 -1.68 -1.67 -1.06
N GLN A 81 -2.51 -0.75 -1.50
CA GLN A 81 -2.56 -0.44 -2.96
C GLN A 81 -1.52 0.64 -3.31
N GLN A 82 -1.06 1.38 -2.34
CA GLN A 82 -0.05 2.45 -2.61
C GLN A 82 1.35 1.86 -2.38
N ALA A 83 1.50 0.98 -1.44
CA ALA A 83 2.84 0.38 -1.16
C ALA A 83 3.33 -0.38 -2.39
N ILE A 84 2.46 -0.77 -3.28
CA ILE A 84 2.88 -1.52 -4.50
C ILE A 84 3.20 -0.53 -5.62
N ASP A 85 3.04 0.74 -5.39
CA ASP A 85 3.34 1.76 -6.45
C ASP A 85 4.74 2.35 -6.18
N PRO A 86 5.64 2.35 -7.15
CA PRO A 86 7.01 2.90 -6.95
C PRO A 86 7.04 4.17 -6.09
N LYS A 87 6.09 5.05 -6.26
CA LYS A 87 6.10 6.30 -5.44
C LYS A 87 6.25 5.93 -3.96
N ASN A 88 6.00 4.70 -3.63
CA ASN A 88 6.14 4.27 -2.20
C ASN A 88 7.63 4.13 -1.87
N LEU A 89 8.36 3.41 -2.69
CA LEU A 89 9.81 3.24 -2.43
C LEU A 89 10.49 4.61 -2.48
N SER A 90 9.88 5.57 -3.12
CA SER A 90 10.47 6.93 -3.21
C SER A 90 9.90 7.83 -2.10
N ARG A 91 8.66 7.63 -1.74
CA ARG A 91 8.03 8.51 -0.69
C ARG A 91 8.52 8.09 0.70
N LEU A 92 8.59 6.82 0.98
CA LEU A 92 9.05 6.37 2.33
C LEU A 92 10.28 7.18 2.74
N PHE A 93 10.93 7.79 1.78
CA PHE A 93 12.13 8.63 2.08
C PHE A 93 11.74 10.11 1.92
N PRO A 94 11.52 10.83 3.01
CA PRO A 94 11.14 12.27 2.93
C PRO A 94 11.99 13.05 1.93
N GLY A 95 13.03 12.44 1.43
CA GLY A 95 13.91 13.13 0.44
C GLY A 95 13.05 13.80 -0.64
N TRP A 96 11.79 13.44 -0.73
CA TRP A 96 10.91 14.07 -1.76
C TRP A 96 11.10 15.59 -1.72
N LYS A 97 11.70 16.10 -0.69
CA LYS A 97 11.92 17.57 -0.57
C LYS A 97 12.94 18.03 -1.61
N ALA A 98 13.59 17.11 -2.27
CA ALA A 98 14.60 17.49 -3.29
C ALA A 98 14.01 17.27 -4.67
N TRP A 99 12.97 16.49 -4.74
CA TRP A 99 12.34 16.20 -6.04
C TRP A 99 11.49 17.39 -6.48
N VAL A 100 11.32 18.35 -5.63
CA VAL A 100 10.51 19.55 -6.01
C VAL A 100 11.03 20.13 -7.33
N THR A 68 -14.86 -2.43 15.85
CA THR A 68 -13.72 -1.49 16.01
C THR A 68 -14.27 -0.07 16.25
N VAL A 69 -14.17 0.79 15.28
CA VAL A 69 -14.68 2.18 15.45
C VAL A 69 -14.64 2.88 14.08
N LEU A 70 -13.89 3.94 13.92
CA LEU A 70 -13.85 4.61 12.59
C LEU A 70 -13.21 3.65 11.58
N SER A 71 -12.90 2.44 12.01
CA SER A 71 -12.26 1.45 11.10
C SER A 71 -11.00 2.03 10.49
N VAL A 72 -9.88 1.50 10.88
CA VAL A 72 -8.58 1.98 10.36
C VAL A 72 -8.29 1.30 9.01
N GLY A 73 -8.99 0.24 8.73
CA GLY A 73 -8.77 -0.48 7.43
C GLY A 73 -8.71 0.53 6.28
N GLY A 74 -9.14 1.74 6.51
CA GLY A 74 -9.10 2.76 5.44
C GLY A 74 -7.65 3.17 5.15
N GLN A 75 -6.94 3.60 6.15
CA GLN A 75 -5.52 4.02 5.92
C GLN A 75 -4.65 2.79 5.71
N VAL A 76 -4.95 1.71 6.39
CA VAL A 76 -4.15 0.48 6.22
C VAL A 76 -4.38 -0.08 4.81
N ASN A 77 -5.60 -0.43 4.51
CA ASN A 77 -5.89 -0.96 3.15
C ASN A 77 -5.31 0.00 2.10
N LEU A 78 -5.27 1.26 2.41
CA LEU A 78 -4.71 2.26 1.45
C LEU A 78 -3.19 2.13 1.41
N LEU A 79 -2.59 1.92 2.53
CA LEU A 79 -1.10 1.80 2.56
C LEU A 79 -0.62 0.60 1.75
N ILE A 80 -1.42 -0.43 1.62
CA ILE A 80 -0.97 -1.63 0.85
C ILE A 80 -1.38 -1.52 -0.62
N GLN A 81 -2.56 -1.04 -0.89
CA GLN A 81 -3.00 -0.94 -2.30
C GLN A 81 -2.13 0.09 -3.03
N GLN A 82 -1.53 1.02 -2.32
CA GLN A 82 -0.66 2.04 -3.00
C GLN A 82 0.79 1.56 -2.94
N ALA A 83 1.18 0.93 -1.87
CA ALA A 83 2.59 0.45 -1.75
C ALA A 83 2.91 -0.58 -2.84
N ILE A 84 1.93 -1.07 -3.54
CA ILE A 84 2.20 -2.08 -4.59
C ILE A 84 3.26 -1.56 -5.57
N ASP A 85 3.71 -0.34 -5.39
CA ASP A 85 4.75 0.21 -6.30
C ASP A 85 5.89 -0.82 -6.46
N PRO A 86 6.80 -0.60 -7.38
CA PRO A 86 7.96 -1.54 -7.60
C PRO A 86 8.74 -1.88 -6.33
N LYS A 87 8.26 -1.50 -5.17
CA LYS A 87 9.01 -1.82 -3.93
C LYS A 87 9.41 -3.30 -3.93
N ASN A 88 8.74 -4.09 -4.70
CA ASN A 88 9.08 -5.55 -4.75
C ASN A 88 10.41 -5.74 -5.47
N LEU A 89 10.47 -5.34 -6.72
CA LEU A 89 11.74 -5.47 -7.48
C LEU A 89 12.86 -4.83 -6.67
N SER A 90 12.54 -3.86 -5.85
CA SER A 90 13.58 -3.19 -5.03
C SER A 90 13.74 -3.92 -3.69
N ARG A 91 12.72 -4.62 -3.26
CA ARG A 91 12.82 -5.34 -1.96
C ARG A 91 13.79 -6.53 -2.11
N LEU A 92 13.97 -7.01 -3.31
CA LEU A 92 14.90 -8.16 -3.52
C LEU A 92 16.22 -7.90 -2.78
N PHE A 93 16.49 -6.67 -2.45
CA PHE A 93 17.77 -6.38 -1.72
C PHE A 93 17.67 -5.01 -1.01
N PRO A 94 17.59 -3.91 -1.74
CA PRO A 94 17.47 -2.56 -1.14
C PRO A 94 16.72 -2.54 0.20
N GLY A 95 15.54 -3.11 0.23
CA GLY A 95 14.74 -3.12 1.49
C GLY A 95 15.62 -3.57 2.65
N TRP A 96 16.44 -4.58 2.45
CA TRP A 96 17.31 -5.07 3.55
C TRP A 96 18.61 -4.25 3.63
N LYS A 97 18.86 -3.42 2.66
CA LYS A 97 20.11 -2.61 2.68
C LYS A 97 20.01 -1.51 3.75
N ALA A 98 18.85 -1.31 4.31
CA ALA A 98 18.68 -0.25 5.35
C ALA A 98 18.28 -0.93 6.67
N TRP A 99 17.77 -2.12 6.59
CA TRP A 99 17.34 -2.81 7.81
C TRP A 99 18.56 -3.32 8.58
N VAL A 100 19.67 -3.49 7.91
CA VAL A 100 20.89 -3.98 8.60
C VAL A 100 21.19 -3.08 9.80
N THR A 68 -17.80 1.70 12.70
CA THR A 68 -16.54 2.33 13.21
C THR A 68 -16.33 3.68 12.52
N VAL A 69 -15.44 4.48 13.04
CA VAL A 69 -15.19 5.81 12.41
C VAL A 69 -14.66 5.60 10.98
N LEU A 70 -13.75 6.42 10.54
CA LEU A 70 -13.21 6.25 9.16
C LEU A 70 -12.65 4.83 9.00
N SER A 71 -12.65 4.06 10.04
CA SER A 71 -12.12 2.67 9.95
C SER A 71 -10.64 2.71 9.58
N VAL A 72 -9.81 2.32 10.50
CA VAL A 72 -8.35 2.31 10.24
C VAL A 72 -8.06 1.64 8.90
N GLY A 73 -8.76 0.57 8.61
CA GLY A 73 -8.54 -0.15 7.31
C GLY A 73 -8.46 0.87 6.18
N GLY A 74 -8.94 2.05 6.39
CA GLY A 74 -8.88 3.08 5.32
C GLY A 74 -7.41 3.42 5.03
N GLN A 75 -6.64 3.64 6.06
CA GLN A 75 -5.20 3.97 5.84
C GLN A 75 -4.42 2.68 5.58
N VAL A 76 -4.71 1.64 6.32
CA VAL A 76 -3.96 0.36 6.09
C VAL A 76 -4.18 -0.09 4.65
N ASN A 77 -5.42 -0.19 4.23
CA ASN A 77 -5.68 -0.60 2.83
C ASN A 77 -4.99 0.38 1.89
N LEU A 78 -5.27 1.65 2.05
CA LEU A 78 -4.62 2.67 1.18
C LEU A 78 -3.11 2.44 1.19
N LEU A 79 -2.59 1.96 2.29
CA LEU A 79 -1.12 1.72 2.37
C LEU A 79 -0.70 0.63 1.38
N ILE A 80 -1.24 -0.55 1.51
CA ILE A 80 -0.84 -1.65 0.59
C ILE A 80 -1.42 -1.42 -0.82
N GLN A 81 -2.46 -0.66 -0.95
CA GLN A 81 -3.05 -0.41 -2.29
C GLN A 81 -2.10 0.47 -3.11
N GLN A 82 -1.60 1.54 -2.53
CA GLN A 82 -0.68 2.45 -3.29
C GLN A 82 0.78 2.04 -3.06
N ALA A 83 1.08 1.48 -1.92
CA ALA A 83 2.48 1.05 -1.64
C ALA A 83 2.71 -0.37 -2.18
N ILE A 84 1.69 -1.19 -2.15
CA ILE A 84 1.82 -2.58 -2.66
C ILE A 84 3.17 -3.18 -2.22
N ASP A 85 3.75 -2.63 -1.17
CA ASP A 85 5.04 -3.17 -0.67
C ASP A 85 6.02 -3.37 -1.84
N PRO A 86 6.78 -2.36 -2.22
CA PRO A 86 7.75 -2.47 -3.33
C PRO A 86 8.83 -3.53 -3.08
N LYS A 87 8.87 -4.07 -1.89
CA LYS A 87 9.89 -5.10 -1.56
C LYS A 87 9.92 -6.14 -2.67
N ASN A 88 8.86 -6.26 -3.42
CA ASN A 88 8.83 -7.27 -4.52
C ASN A 88 9.78 -6.84 -5.65
N LEU A 89 9.63 -5.64 -6.15
CA LEU A 89 10.53 -5.19 -7.24
C LEU A 89 11.97 -5.21 -6.74
N SER A 90 12.17 -4.94 -5.47
CA SER A 90 13.56 -4.95 -4.92
C SER A 90 13.99 -6.39 -4.65
N ARG A 91 13.07 -7.24 -4.28
CA ARG A 91 13.43 -8.66 -4.01
C ARG A 91 14.10 -9.27 -5.23
N LEU A 92 13.59 -8.99 -6.41
CA LEU A 92 14.22 -9.56 -7.64
C LEU A 92 15.73 -9.31 -7.58
N PHE A 93 16.17 -8.38 -6.78
CA PHE A 93 17.62 -8.08 -6.64
C PHE A 93 18.04 -8.39 -5.19
N PRO A 94 19.00 -9.27 -4.96
CA PRO A 94 19.46 -9.62 -3.58
C PRO A 94 19.55 -8.37 -2.67
N GLY A 95 19.57 -7.21 -3.25
CA GLY A 95 19.68 -5.97 -2.43
C GLY A 95 18.67 -6.00 -1.27
N TRP A 96 17.77 -6.95 -1.24
CA TRP A 96 16.79 -6.98 -0.12
C TRP A 96 17.47 -7.44 1.17
N LYS A 97 18.67 -7.94 1.07
CA LYS A 97 19.40 -8.42 2.27
C LYS A 97 19.63 -7.26 3.26
N ALA A 98 19.33 -6.05 2.84
CA ALA A 98 19.53 -4.87 3.73
C ALA A 98 18.18 -4.37 4.21
N TRP A 99 17.15 -4.72 3.51
CA TRP A 99 15.80 -4.26 3.87
C TRP A 99 15.28 -5.03 5.08
N VAL A 100 16.11 -5.86 5.68
CA VAL A 100 15.66 -6.64 6.86
C VAL A 100 14.94 -5.71 7.85
N THR A 68 -14.25 10.79 8.16
CA THR A 68 -13.14 9.80 8.13
C THR A 68 -13.59 8.56 7.33
N VAL A 69 -12.80 7.53 7.30
CA VAL A 69 -13.19 6.30 6.55
C VAL A 69 -14.04 5.39 7.44
N LEU A 70 -14.46 5.88 8.57
CA LEU A 70 -15.30 5.04 9.47
C LEU A 70 -14.56 3.75 9.82
N SER A 71 -13.33 3.64 9.43
CA SER A 71 -12.55 2.40 9.74
C SER A 71 -11.10 2.60 9.37
N VAL A 72 -10.25 2.57 10.35
CA VAL A 72 -8.80 2.74 10.11
C VAL A 72 -8.34 1.73 9.06
N GLY A 73 -9.00 0.60 8.99
CA GLY A 73 -8.61 -0.44 7.99
C GLY A 73 -8.43 0.23 6.62
N GLY A 74 -9.01 1.38 6.44
CA GLY A 74 -8.87 2.10 5.14
C GLY A 74 -7.48 2.73 5.08
N GLN A 75 -7.01 3.28 6.17
CA GLN A 75 -5.66 3.88 6.16
C GLN A 75 -4.65 2.77 5.89
N VAL A 76 -4.94 1.60 6.37
CA VAL A 76 -4.02 0.45 6.12
C VAL A 76 -4.22 0.01 4.66
N ASN A 77 -5.46 -0.16 4.27
CA ASN A 77 -5.73 -0.56 2.87
C ASN A 77 -5.08 0.47 1.94
N LEU A 78 -5.07 1.70 2.35
CA LEU A 78 -4.44 2.76 1.52
C LEU A 78 -2.94 2.52 1.46
N LEU A 79 -2.36 2.07 2.54
CA LEU A 79 -0.90 1.83 2.54
C LEU A 79 -0.55 0.77 1.49
N ILE A 80 -1.35 -0.25 1.34
CA ILE A 80 -1.01 -1.29 0.33
C ILE A 80 -1.58 -0.86 -1.04
N GLN A 81 -2.82 -0.48 -1.11
CA GLN A 81 -3.42 -0.04 -2.42
C GLN A 81 -2.46 0.91 -3.15
N GLN A 82 -1.70 1.70 -2.42
CA GLN A 82 -0.76 2.65 -3.10
C GLN A 82 0.63 2.03 -3.22
N ALA A 83 1.00 1.17 -2.31
CA ALA A 83 2.35 0.55 -2.37
C ALA A 83 2.55 -0.23 -3.69
N ILE A 84 1.50 -0.42 -4.47
CA ILE A 84 1.64 -1.17 -5.76
C ILE A 84 1.13 -0.30 -6.90
N ASP A 85 0.15 -0.74 -7.63
CA ASP A 85 -0.38 0.10 -8.75
C ASP A 85 -1.65 -0.56 -9.34
N PRO A 86 -1.58 -1.77 -9.83
CA PRO A 86 -2.78 -2.46 -10.41
C PRO A 86 -3.73 -3.00 -9.33
N LYS A 87 -3.21 -3.70 -8.37
CA LYS A 87 -4.08 -4.25 -7.29
C LYS A 87 -4.97 -3.14 -6.75
N ASN A 88 -4.66 -1.91 -7.05
CA ASN A 88 -5.51 -0.81 -6.53
C ASN A 88 -6.86 -0.86 -7.27
N LEU A 89 -6.82 -0.89 -8.57
CA LEU A 89 -8.09 -0.95 -9.35
C LEU A 89 -8.75 -2.30 -9.10
N SER A 90 -7.99 -3.28 -8.71
CA SER A 90 -8.56 -4.63 -8.46
C SER A 90 -9.30 -4.65 -7.12
N ARG A 91 -8.69 -4.14 -6.07
CA ARG A 91 -9.36 -4.16 -4.73
C ARG A 91 -10.29 -2.95 -4.57
N LEU A 92 -9.84 -1.77 -4.93
CA LEU A 92 -10.71 -0.56 -4.79
C LEU A 92 -12.11 -0.89 -5.32
N PHE A 93 -12.20 -1.93 -6.11
CA PHE A 93 -13.51 -2.37 -6.68
C PHE A 93 -13.80 -3.77 -6.10
N PRO A 94 -14.43 -3.84 -4.94
CA PRO A 94 -14.75 -5.14 -4.29
C PRO A 94 -15.24 -6.21 -5.27
N GLY A 95 -15.57 -5.79 -6.47
CA GLY A 95 -16.06 -6.77 -7.48
C GLY A 95 -15.02 -7.86 -7.76
N TRP A 96 -13.79 -7.68 -7.30
CA TRP A 96 -12.77 -8.73 -7.59
C TRP A 96 -13.22 -10.05 -7.00
N LYS A 97 -14.13 -10.02 -6.08
CA LYS A 97 -14.63 -11.29 -5.48
C LYS A 97 -15.33 -12.13 -6.53
N ALA A 98 -15.56 -11.55 -7.68
CA ALA A 98 -16.25 -12.28 -8.78
C ALA A 98 -15.19 -12.76 -9.77
N TRP A 99 -14.03 -12.19 -9.70
CA TRP A 99 -12.97 -12.57 -10.64
C TRP A 99 -12.43 -13.97 -10.32
N VAL A 100 -13.07 -14.66 -9.40
CA VAL A 100 -12.60 -16.04 -9.04
C VAL A 100 -12.27 -16.83 -10.31
N THR A 68 -12.19 12.78 11.85
CA THR A 68 -12.09 11.65 10.88
C THR A 68 -13.04 10.53 11.31
N VAL A 69 -13.05 9.43 10.60
CA VAL A 69 -13.95 8.30 10.96
C VAL A 69 -13.18 7.24 11.76
N LEU A 70 -11.99 7.58 12.21
CA LEU A 70 -11.19 6.58 12.99
C LEU A 70 -11.07 5.29 12.18
N SER A 71 -11.51 5.31 10.95
CA SER A 71 -11.42 4.09 10.11
C SER A 71 -9.98 3.82 9.78
N VAL A 72 -9.47 2.73 10.29
CA VAL A 72 -8.05 2.38 10.07
C VAL A 72 -7.93 1.57 8.77
N GLY A 73 -8.77 0.59 8.58
CA GLY A 73 -8.70 -0.23 7.33
C GLY A 73 -8.64 0.71 6.13
N GLY A 74 -8.91 1.98 6.33
CA GLY A 74 -8.86 2.94 5.20
C GLY A 74 -7.42 3.37 4.96
N GLN A 75 -6.67 3.61 6.01
CA GLN A 75 -5.26 4.02 5.84
C GLN A 75 -4.41 2.77 5.63
N VAL A 76 -4.67 1.73 6.38
CA VAL A 76 -3.90 0.47 6.23
C VAL A 76 -4.12 -0.06 4.81
N ASN A 77 -5.35 -0.28 4.44
CA ASN A 77 -5.62 -0.79 3.07
C ASN A 77 -5.00 0.18 2.08
N LEU A 78 -5.32 1.44 2.17
CA LEU A 78 -4.73 2.44 1.24
C LEU A 78 -3.22 2.21 1.18
N LEU A 79 -2.63 1.84 2.28
CA LEU A 79 -1.16 1.59 2.32
C LEU A 79 -0.81 0.42 1.39
N ILE A 80 -1.62 -0.60 1.35
CA ILE A 80 -1.29 -1.76 0.46
C ILE A 80 -1.61 -1.40 -1.00
N GLN A 81 -2.48 -0.45 -1.21
CA GLN A 81 -2.84 -0.08 -2.60
C GLN A 81 -1.73 0.72 -3.29
N GLN A 82 -1.19 1.74 -2.67
CA GLN A 82 -0.12 2.53 -3.35
C GLN A 82 1.24 1.84 -3.12
N ALA A 83 1.33 0.99 -2.12
CA ALA A 83 2.61 0.29 -1.84
C ALA A 83 2.74 -0.95 -2.74
N ILE A 84 1.90 -1.93 -2.54
CA ILE A 84 1.93 -3.20 -3.34
C ILE A 84 3.36 -3.52 -3.79
N ASP A 85 4.18 -4.02 -2.90
CA ASP A 85 5.58 -4.35 -3.27
C ASP A 85 6.22 -3.13 -3.95
N PRO A 86 6.39 -2.06 -3.23
CA PRO A 86 7.00 -0.81 -3.76
C PRO A 86 8.52 -0.92 -3.90
N LYS A 87 9.09 -1.98 -3.41
CA LYS A 87 10.56 -2.14 -3.53
C LYS A 87 10.93 -2.17 -5.01
N ASN A 88 10.02 -2.59 -5.84
CA ASN A 88 10.30 -2.64 -7.31
C ASN A 88 9.98 -1.28 -7.92
N LEU A 89 8.74 -0.90 -7.96
CA LEU A 89 8.37 0.42 -8.56
C LEU A 89 9.31 1.50 -8.04
N SER A 90 9.83 1.31 -6.85
CA SER A 90 10.74 2.32 -6.26
C SER A 90 12.17 2.10 -6.77
N ARG A 91 12.61 0.88 -6.87
CA ARG A 91 14.00 0.62 -7.36
C ARG A 91 14.08 0.73 -8.88
N LEU A 92 12.97 0.60 -9.56
CA LEU A 92 12.99 0.67 -11.05
C LEU A 92 12.81 2.11 -11.53
N PHE A 93 12.81 3.08 -10.65
CA PHE A 93 12.64 4.48 -11.14
C PHE A 93 13.28 5.50 -10.15
N PRO A 94 12.69 5.78 -8.99
CA PRO A 94 13.29 6.77 -8.03
C PRO A 94 14.51 6.22 -7.27
N GLY A 95 14.41 5.01 -6.78
CA GLY A 95 15.54 4.42 -6.01
C GLY A 95 16.89 4.72 -6.65
N TRP A 96 16.98 4.69 -7.96
CA TRP A 96 18.29 4.96 -8.62
C TRP A 96 18.51 6.47 -8.76
N LYS A 97 17.46 7.23 -8.76
CA LYS A 97 17.61 8.71 -8.90
C LYS A 97 18.37 9.28 -7.69
N ALA A 98 18.60 8.49 -6.68
CA ALA A 98 19.33 8.99 -5.48
C ALA A 98 20.66 8.25 -5.37
N TRP A 99 20.75 7.12 -6.02
CA TRP A 99 22.00 6.32 -5.95
C TRP A 99 23.03 6.89 -6.94
N VAL A 100 22.64 7.86 -7.71
CA VAL A 100 23.58 8.45 -8.70
C VAL A 100 24.84 8.95 -7.97
N THR A 68 -14.17 8.58 4.99
CA THR A 68 -13.82 7.69 6.13
C THR A 68 -13.74 8.53 7.41
N VAL A 69 -13.60 7.89 8.54
CA VAL A 69 -13.53 8.65 9.82
C VAL A 69 -12.92 7.77 10.92
N LEU A 70 -11.78 8.17 11.43
CA LEU A 70 -11.11 7.39 12.51
C LEU A 70 -11.00 5.91 12.12
N SER A 71 -11.39 5.56 10.92
CA SER A 71 -11.29 4.15 10.49
C SER A 71 -9.88 3.89 9.97
N VAL A 72 -9.11 3.21 10.75
CA VAL A 72 -7.72 2.92 10.34
C VAL A 72 -7.67 1.75 9.36
N GLY A 73 -8.46 0.73 9.60
CA GLY A 73 -8.48 -0.44 8.67
C GLY A 73 -8.49 0.03 7.22
N GLY A 74 -9.00 1.21 6.97
CA GLY A 74 -9.03 1.74 5.58
C GLY A 74 -7.67 2.30 5.22
N GLN A 75 -7.00 2.91 6.15
CA GLN A 75 -5.66 3.45 5.84
C GLN A 75 -4.74 2.26 5.57
N VAL A 76 -5.10 1.12 6.08
CA VAL A 76 -4.29 -0.11 5.83
C VAL A 76 -4.54 -0.54 4.40
N ASN A 77 -5.79 -0.59 4.00
CA ASN A 77 -6.10 -0.97 2.60
C ASN A 77 -5.34 -0.03 1.66
N LEU A 78 -5.46 1.24 1.91
CA LEU A 78 -4.76 2.25 1.05
C LEU A 78 -3.24 2.01 1.10
N LEU A 79 -2.73 1.62 2.23
CA LEU A 79 -1.26 1.42 2.34
C LEU A 79 -0.79 0.20 1.52
N ILE A 80 -1.64 -0.76 1.25
CA ILE A 80 -1.17 -1.95 0.47
C ILE A 80 -1.35 -1.72 -1.04
N GLN A 81 -2.27 -0.90 -1.44
CA GLN A 81 -2.46 -0.67 -2.91
C GLN A 81 -1.51 0.44 -3.38
N GLN A 82 -1.06 1.29 -2.50
CA GLN A 82 -0.13 2.39 -2.91
C GLN A 82 1.31 1.93 -2.66
N ALA A 83 1.57 1.28 -1.55
CA ALA A 83 2.96 0.83 -1.23
C ALA A 83 3.16 -0.65 -1.60
N ILE A 84 2.10 -1.44 -1.58
CA ILE A 84 2.18 -2.91 -1.87
C ILE A 84 3.48 -3.49 -1.28
N ASP A 85 3.95 -2.95 -0.18
CA ASP A 85 5.20 -3.46 0.46
C ASP A 85 6.25 -3.82 -0.61
N PRO A 86 7.16 -2.92 -0.92
CA PRO A 86 8.21 -3.20 -1.95
C PRO A 86 9.37 -4.03 -1.38
N LYS A 87 9.12 -4.75 -0.33
CA LYS A 87 10.20 -5.59 0.26
C LYS A 87 10.72 -6.57 -0.79
N ASN A 88 9.86 -7.01 -1.67
CA ASN A 88 10.32 -7.96 -2.72
C ASN A 88 11.34 -7.26 -3.62
N LEU A 89 11.29 -5.96 -3.69
CA LEU A 89 12.27 -5.22 -4.53
C LEU A 89 13.58 -5.08 -3.74
N SER A 90 13.49 -4.72 -2.49
CA SER A 90 14.72 -4.57 -1.67
C SER A 90 15.33 -5.94 -1.42
N ARG A 91 14.54 -6.98 -1.54
CA ARG A 91 15.06 -8.36 -1.30
C ARG A 91 15.87 -8.83 -2.50
N LEU A 92 15.29 -8.79 -3.68
CA LEU A 92 16.01 -9.24 -4.89
C LEU A 92 17.20 -8.29 -5.16
N PHE A 93 17.47 -7.39 -4.25
CA PHE A 93 18.61 -6.43 -4.46
C PHE A 93 19.26 -6.11 -3.11
N PRO A 94 20.51 -5.67 -3.12
CA PRO A 94 21.24 -5.31 -1.85
C PRO A 94 20.38 -4.49 -0.88
N GLY A 95 19.20 -4.10 -1.28
CA GLY A 95 18.32 -3.31 -0.39
C GLY A 95 18.26 -3.96 1.00
N TRP A 96 18.77 -5.16 1.12
CA TRP A 96 18.75 -5.85 2.45
C TRP A 96 19.21 -4.86 3.54
N LYS A 97 19.81 -3.78 3.15
CA LYS A 97 20.28 -2.77 4.15
C LYS A 97 19.08 -2.19 4.91
N ALA A 98 17.87 -2.49 4.50
CA ALA A 98 16.68 -1.95 5.19
C ALA A 98 16.23 -2.98 6.21
N TRP A 99 16.65 -4.19 6.03
CA TRP A 99 16.25 -5.27 6.94
C TRP A 99 17.03 -5.17 8.25
N VAL A 100 18.06 -4.37 8.28
CA VAL A 100 18.85 -4.21 9.51
C VAL A 100 17.94 -3.78 10.66
#